data_3DUK
#
_entry.id   3DUK
#
_cell.length_a   103.030
_cell.length_b   103.030
_cell.length_c   130.950
_cell.angle_alpha   90.000
_cell.angle_beta   90.000
_cell.angle_gamma   120.000
#
_symmetry.space_group_name_H-M   'P 32 2 1'
#
loop_
_entity.id
_entity.type
_entity.pdbx_description
1 polymer 'NTF2-like protein of unknown function'
2 non-polymer 1,2-ETHANEDIOL
3 non-polymer 'CHLORIDE ION'
4 water water
#
_entity_poly.entity_id   1
_entity_poly.type   'polypeptide(L)'
_entity_poly.pdbx_seq_one_letter_code
;G(MSE)SVKVSVDDIDGITEVLNVY(MSE)NAAESGTGEE(MSE)SAAFHKDATIFGYVGDKLAFNGPIKDLYDWHNSNG
PAKNVQSRITNIDIVGTVAHARVEAENWTNFKFSDLFLLLKLDGKWTIVNKVFHLHA
;
_entity_poly.pdbx_strand_id   A,B,C,D,E,F
#
loop_
_chem_comp.id
_chem_comp.type
_chem_comp.name
_chem_comp.formula
CL non-polymer 'CHLORIDE ION' 'Cl -1'
EDO non-polymer 1,2-ETHANEDIOL 'C2 H6 O2'
#
# COMPACT_ATOMS: atom_id res chain seq x y z
N GLY A 1 -28.03 -12.31 12.92
CA GLY A 1 -27.08 -11.25 13.39
C GLY A 1 -26.72 -10.29 12.28
N MSE A 2 -26.84 -9.00 12.55
CA MSE A 2 -26.54 -7.96 11.58
CA MSE A 2 -26.54 -7.98 11.55
C MSE A 2 -25.06 -7.94 11.20
O MSE A 2 -24.20 -7.91 12.09
CB MSE A 2 -26.95 -6.59 12.13
CB MSE A 2 -27.05 -6.61 11.99
CG MSE A 2 -28.45 -6.42 12.28
CG MSE A 2 -26.72 -6.26 13.44
SE MSE A 2 -29.31 -6.35 10.54
SE MSE A 2 -27.78 -7.26 14.74
CE MSE A 2 -28.74 -4.58 9.98
CE MSE A 2 -29.55 -6.60 14.28
N SER A 3 -24.76 -7.95 9.91
CA SER A 3 -23.38 -7.86 9.44
C SER A 3 -22.77 -6.52 9.81
N VAL A 4 -21.46 -6.52 10.07
CA VAL A 4 -20.76 -5.31 10.50
C VAL A 4 -20.04 -4.63 9.34
N LYS A 5 -20.24 -5.16 8.13
CA LYS A 5 -19.73 -4.51 6.93
C LYS A 5 -20.34 -3.11 6.81
N VAL A 6 -19.50 -2.11 6.59
CA VAL A 6 -19.93 -0.72 6.53
C VAL A 6 -20.63 -0.42 5.20
N SER A 7 -21.86 0.08 5.28
CA SER A 7 -22.69 0.33 4.11
C SER A 7 -22.99 1.81 3.93
N VAL A 8 -23.19 2.23 2.69
CA VAL A 8 -23.56 3.62 2.39
C VAL A 8 -24.93 3.94 3.00
N ASP A 9 -25.77 2.92 3.12
CA ASP A 9 -27.09 3.08 3.72
C ASP A 9 -26.95 3.54 5.15
N ASP A 10 -26.13 2.82 5.92
CA ASP A 10 -25.92 3.12 7.33
C ASP A 10 -25.26 4.47 7.54
N ILE A 11 -24.32 4.80 6.67
CA ILE A 11 -23.62 6.06 6.76
C ILE A 11 -24.60 7.22 6.61
N ASP A 12 -25.56 7.08 5.69
CA ASP A 12 -26.54 8.13 5.41
C ASP A 12 -27.61 8.23 6.50
N GLY A 13 -27.86 7.11 7.17
CA GLY A 13 -28.84 7.08 8.25
C GLY A 13 -28.32 7.84 9.45
N ILE A 14 -27.03 7.64 9.74
CA ILE A 14 -26.36 8.34 10.83
C ILE A 14 -26.18 9.82 10.49
N THR A 15 -25.78 10.09 9.26
CA THR A 15 -25.64 11.47 8.79
C THR A 15 -26.97 12.20 8.88
N GLU A 16 -28.05 11.45 8.67
CA GLU A 16 -29.39 12.02 8.66
C GLU A 16 -29.82 12.47 10.06
N VAL A 17 -29.45 11.69 11.07
CA VAL A 17 -29.85 12.01 12.44
C VAL A 17 -28.93 13.09 13.00
N LEU A 18 -27.69 13.10 12.54
CA LEU A 18 -26.75 14.12 12.97
C LEU A 18 -27.13 15.44 12.31
N ASN A 19 -27.79 15.37 11.16
CA ASN A 19 -28.28 16.57 10.49
C ASN A 19 -29.46 17.17 11.25
N VAL A 20 -30.24 16.33 11.91
CA VAL A 20 -31.36 16.82 12.69
C VAL A 20 -30.83 17.63 13.86
N TYR A 21 -29.76 17.13 14.48
CA TYR A 21 -29.14 17.79 15.61
C TYR A 21 -28.45 19.09 15.19
N MSE A 22 -27.70 19.03 14.09
CA MSE A 22 -26.94 20.18 13.60
C MSE A 22 -27.86 21.30 13.09
O MSE A 22 -27.57 22.48 13.27
CB MSE A 22 -25.97 19.75 12.49
CG MSE A 22 -24.71 19.05 12.98
SE MSE A 22 -23.53 18.43 11.55
CE MSE A 22 -24.75 17.15 10.77
N ASN A 23 -28.97 20.92 12.47
CA ASN A 23 -29.93 21.87 11.94
C ASN A 23 -30.73 22.51 13.06
N ALA A 24 -30.98 21.74 14.11
CA ALA A 24 -31.67 22.25 15.29
C ALA A 24 -30.75 23.23 16.01
N ALA A 25 -29.46 22.93 15.99
CA ALA A 25 -28.48 23.79 16.64
C ALA A 25 -28.53 25.18 16.04
N GLU A 26 -28.73 25.25 14.73
CA GLU A 26 -28.62 26.51 14.01
C GLU A 26 -29.94 27.27 13.95
N SER A 27 -31.04 26.54 13.83
CA SER A 27 -32.32 27.16 13.48
C SER A 27 -33.50 26.66 14.31
N GLY A 28 -33.26 25.73 15.21
CA GLY A 28 -34.34 25.01 15.86
C GLY A 28 -34.43 25.21 17.36
N THR A 29 -35.45 24.58 17.94
CA THR A 29 -35.65 24.56 19.38
C THR A 29 -35.03 23.31 19.99
N GLY A 30 -35.08 23.22 21.31
CA GLY A 30 -34.57 22.05 22.00
C GLY A 30 -35.45 20.83 21.79
N GLU A 31 -36.73 21.08 21.58
CA GLU A 31 -37.68 20.02 21.30
C GLU A 31 -37.41 19.42 19.92
N GLU A 32 -37.11 20.28 18.96
CA GLU A 32 -36.77 19.85 17.62
C GLU A 32 -35.44 19.11 17.64
N MSE A 33 -34.55 19.55 18.51
CA MSE A 33 -33.23 18.93 18.67
C MSE A 33 -33.36 17.53 19.27
O MSE A 33 -32.57 16.64 18.95
CB MSE A 33 -32.33 19.81 19.56
CG MSE A 33 -30.98 19.18 19.89
SE MSE A 33 -29.78 20.37 20.88
CE MSE A 33 -29.22 21.53 19.42
N SER A 34 -34.36 17.35 20.13
CA SER A 34 -34.55 16.08 20.82
C SER A 34 -35.00 14.98 19.88
N ALA A 35 -35.38 15.35 18.66
CA ALA A 35 -35.83 14.38 17.67
C ALA A 35 -34.68 13.49 17.20
N ALA A 36 -33.45 13.91 17.48
CA ALA A 36 -32.28 13.15 17.06
C ALA A 36 -31.79 12.24 18.19
N PHE A 37 -32.42 12.33 19.35
CA PHE A 37 -31.96 11.62 20.54
C PHE A 37 -32.97 10.60 21.06
N HIS A 38 -32.42 9.56 21.68
CA HIS A 38 -33.20 8.55 22.38
C HIS A 38 -33.84 9.19 23.61
N LYS A 39 -34.96 8.63 24.05
CA LYS A 39 -35.69 9.14 25.20
C LYS A 39 -34.81 9.14 26.45
N ASP A 40 -33.90 8.17 26.51
CA ASP A 40 -33.02 8.03 27.66
C ASP A 40 -31.58 8.37 27.31
N ALA A 41 -31.39 9.34 26.43
CA ALA A 41 -30.05 9.78 26.05
C ALA A 41 -29.41 10.59 27.16
N THR A 42 -28.08 10.67 27.14
CA THR A 42 -27.34 11.38 28.18
C THR A 42 -26.36 12.40 27.59
N ILE A 43 -25.89 13.30 28.43
CA ILE A 43 -24.91 14.30 28.02
C ILE A 43 -24.01 14.71 29.19
N PHE A 44 -22.69 14.64 28.96
CA PHE A 44 -21.71 15.07 29.94
C PHE A 44 -20.78 16.08 29.30
N GLY A 45 -20.42 17.11 30.05
CA GLY A 45 -19.56 18.17 29.57
C GLY A 45 -19.27 19.22 30.62
N TYR A 46 -18.09 19.81 30.50
CA TYR A 46 -17.63 20.85 31.42
C TYR A 46 -17.79 22.22 30.80
N VAL A 47 -18.18 23.18 31.63
CA VAL A 47 -18.07 24.60 31.31
C VAL A 47 -17.21 25.22 32.41
N GLY A 48 -15.93 25.40 32.11
CA GLY A 48 -14.99 25.84 33.13
C GLY A 48 -14.65 24.69 34.06
N ASP A 49 -14.79 24.93 35.36
CA ASP A 49 -14.50 23.91 36.37
C ASP A 49 -15.77 23.20 36.81
N LYS A 50 -16.91 23.68 36.32
CA LYS A 50 -18.20 23.10 36.68
C LYS A 50 -18.68 22.07 35.66
N LEU A 51 -19.11 20.91 36.15
CA LEU A 51 -19.71 19.89 35.28
C LEU A 51 -21.17 20.24 35.02
N ALA A 52 -21.38 21.20 34.13
CA ALA A 52 -22.71 21.77 33.87
C ALA A 52 -23.67 20.71 33.32
N PHE A 53 -23.11 19.71 32.66
CA PHE A 53 -23.90 18.62 32.11
C PHE A 53 -23.44 17.31 32.72
N ASN A 54 -24.34 16.67 33.47
CA ASN A 54 -23.97 15.50 34.26
C ASN A 54 -24.92 14.31 34.10
N GLY A 55 -25.50 14.18 32.90
CA GLY A 55 -26.33 13.04 32.59
C GLY A 55 -27.58 13.40 31.81
N PRO A 56 -28.53 14.07 32.45
CA PRO A 56 -29.83 14.38 31.85
C PRO A 56 -29.72 15.13 30.53
N ILE A 57 -30.29 14.55 29.47
CA ILE A 57 -30.32 15.19 28.17
C ILE A 57 -31.31 16.34 28.16
N LYS A 58 -32.10 16.45 29.22
CA LYS A 58 -33.09 17.51 29.33
C LYS A 58 -32.34 18.83 29.47
N ASP A 59 -31.19 18.76 30.13
CA ASP A 59 -30.38 19.94 30.35
C ASP A 59 -29.90 20.51 29.02
N LEU A 60 -29.74 19.63 28.03
CA LEU A 60 -29.35 20.08 26.70
C LEU A 60 -30.48 20.88 26.05
N TYR A 61 -31.68 20.32 26.06
CA TYR A 61 -32.82 20.97 25.40
C TYR A 61 -33.21 22.27 26.09
N ASP A 62 -33.01 22.34 27.40
CA ASP A 62 -33.32 23.54 28.15
C ASP A 62 -32.31 24.64 27.83
N TRP A 63 -31.04 24.26 27.75
CA TRP A 63 -29.97 25.21 27.49
C TRP A 63 -30.02 25.74 26.07
N HIS A 64 -30.47 24.90 25.14
CA HIS A 64 -30.58 25.33 23.75
C HIS A 64 -31.76 26.29 23.59
N ASN A 65 -32.75 26.16 24.45
CA ASN A 65 -33.91 27.03 24.43
C ASN A 65 -33.57 28.41 24.99
N SER A 66 -32.82 28.42 26.08
CA SER A 66 -32.42 29.66 26.73
C SER A 66 -31.43 30.41 25.86
N ASN A 67 -30.43 29.68 25.39
CA ASN A 67 -29.36 30.24 24.58
C ASN A 67 -29.85 30.61 23.18
N GLY A 68 -30.85 29.87 22.71
CA GLY A 68 -31.43 30.12 21.42
C GLY A 68 -30.58 29.57 20.29
N PRO A 69 -31.12 29.61 19.07
CA PRO A 69 -30.41 29.09 17.89
C PRO A 69 -29.09 29.82 17.61
N ALA A 70 -28.09 29.05 17.21
CA ALA A 70 -26.80 29.60 16.77
C ALA A 70 -26.83 29.80 15.26
N LYS A 71 -27.28 30.97 14.83
CA LYS A 71 -27.48 31.25 13.41
C LYS A 71 -26.17 31.24 12.63
N ASN A 72 -25.06 31.52 13.33
CA ASN A 72 -23.76 31.61 12.68
C ASN A 72 -22.93 30.35 12.84
N VAL A 73 -23.54 29.30 13.37
CA VAL A 73 -22.79 28.08 13.67
C VAL A 73 -22.43 27.31 12.41
N GLN A 74 -21.19 26.84 12.35
CA GLN A 74 -20.74 25.94 11.31
C GLN A 74 -20.36 24.63 11.95
N SER A 75 -21.04 23.55 11.59
CA SER A 75 -20.73 22.23 12.12
C SER A 75 -20.43 21.22 11.01
N ARG A 76 -19.52 20.30 11.31
CA ARG A 76 -19.07 19.30 10.34
C ARG A 76 -18.91 17.95 11.01
N ILE A 77 -19.37 16.90 10.34
CA ILE A 77 -19.11 15.54 10.78
C ILE A 77 -17.69 15.18 10.35
N THR A 78 -16.87 14.73 11.29
CA THR A 78 -15.49 14.37 11.00
C THR A 78 -15.21 12.88 11.15
N ASN A 79 -16.13 12.16 11.79
CA ASN A 79 -15.96 10.72 11.95
C ASN A 79 -17.29 10.00 12.13
N ILE A 80 -17.38 8.84 11.46
CA ILE A 80 -18.50 7.91 11.63
C ILE A 80 -17.91 6.50 11.63
N ASP A 81 -17.80 5.92 12.81
CA ASP A 81 -17.35 4.54 12.96
C ASP A 81 -18.54 3.64 13.27
N ILE A 82 -18.94 2.84 12.29
CA ILE A 82 -20.11 1.98 12.43
C ILE A 82 -19.74 0.51 12.64
N VAL A 83 -20.51 -0.19 13.47
CA VAL A 83 -20.31 -1.63 13.66
C VAL A 83 -21.63 -2.35 13.94
N GLY A 84 -22.42 -2.57 12.89
CA GLY A 84 -23.64 -3.33 13.01
C GLY A 84 -24.84 -2.54 13.51
N THR A 85 -24.96 -2.49 14.84
CA THR A 85 -26.14 -1.91 15.48
C THR A 85 -25.82 -0.70 16.35
N VAL A 86 -24.54 -0.40 16.49
CA VAL A 86 -24.10 0.78 17.22
C VAL A 86 -23.06 1.52 16.40
N ALA A 87 -22.77 2.76 16.79
CA ALA A 87 -21.79 3.56 16.08
C ALA A 87 -21.23 4.67 16.95
N HIS A 88 -20.09 5.20 16.53
CA HIS A 88 -19.52 6.41 17.12
C HIS A 88 -19.48 7.49 16.04
N ALA A 89 -19.53 8.75 16.45
CA ALA A 89 -19.46 9.85 15.51
C ALA A 89 -18.90 11.10 16.18
N ARG A 90 -18.11 11.86 15.43
CA ARG A 90 -17.58 13.11 15.93
C ARG A 90 -18.07 14.28 15.08
N VAL A 91 -18.34 15.40 15.75
CA VAL A 91 -18.85 16.60 15.09
C VAL A 91 -18.14 17.82 15.66
N GLU A 92 -17.63 18.68 14.79
CA GLU A 92 -17.01 19.92 15.21
C GLU A 92 -17.95 21.10 14.95
N ALA A 93 -18.17 21.93 15.96
CA ALA A 93 -18.98 23.14 15.81
C ALA A 93 -18.17 24.40 16.11
N GLU A 94 -18.39 25.43 15.31
CA GLU A 94 -17.69 26.70 15.49
C GLU A 94 -18.70 27.84 15.48
N ASN A 95 -18.41 28.88 16.24
CA ASN A 95 -19.30 30.03 16.36
C ASN A 95 -20.73 29.62 16.70
N TRP A 96 -20.85 28.60 17.53
CA TRP A 96 -22.12 28.26 18.13
C TRP A 96 -22.37 29.31 19.19
N THR A 97 -23.03 30.40 18.79
CA THR A 97 -23.13 31.57 19.65
C THR A 97 -21.78 31.91 20.28
N ASN A 98 -20.75 31.99 19.43
CA ASN A 98 -19.41 32.40 19.86
C ASN A 98 -18.69 31.30 20.65
N PHE A 99 -19.16 30.07 20.51
CA PHE A 99 -18.53 28.93 21.17
C PHE A 99 -17.94 27.98 20.15
N LYS A 100 -16.94 27.21 20.58
CA LYS A 100 -16.36 26.16 19.77
C LYS A 100 -16.46 24.83 20.52
N PHE A 101 -17.13 23.86 19.92
CA PHE A 101 -17.37 22.56 20.53
C PHE A 101 -16.79 21.40 19.73
N SER A 102 -16.31 20.39 20.43
CA SER A 102 -16.06 19.08 19.85
C SER A 102 -17.01 18.08 20.48
N ASP A 103 -17.88 17.49 19.67
CA ASP A 103 -18.90 16.55 20.15
C ASP A 103 -18.49 15.13 19.81
N LEU A 104 -18.67 14.25 20.80
CA LEU A 104 -18.48 12.83 20.62
C LEU A 104 -19.81 12.15 20.90
N PHE A 105 -20.20 11.23 20.02
CA PHE A 105 -21.52 10.61 20.06
C PHE A 105 -21.43 9.09 20.06
N LEU A 106 -22.38 8.46 20.74
CA LEU A 106 -22.63 7.03 20.58
C LEU A 106 -24.05 6.90 20.05
N LEU A 107 -24.22 6.08 19.02
CA LEU A 107 -25.51 5.94 18.37
C LEU A 107 -25.99 4.49 18.39
N LEU A 108 -27.31 4.32 18.33
CA LEU A 108 -27.90 3.00 18.33
C LEU A 108 -28.93 2.93 17.20
N LYS A 109 -28.85 1.87 16.40
CA LYS A 109 -29.83 1.61 15.37
C LYS A 109 -31.05 0.97 16.01
N LEU A 110 -31.91 1.82 16.56
CA LEU A 110 -33.10 1.38 17.28
C LEU A 110 -34.19 0.98 16.29
N ASP A 111 -34.46 -0.33 16.23
CA ASP A 111 -35.53 -0.85 15.39
C ASP A 111 -35.34 -0.45 13.94
N GLY A 112 -34.09 -0.43 13.49
CA GLY A 112 -33.77 -0.16 12.11
C GLY A 112 -33.52 1.31 11.79
N LYS A 113 -33.69 2.18 12.78
CA LYS A 113 -33.46 3.60 12.61
C LYS A 113 -32.42 4.11 13.59
N TRP A 114 -31.46 4.90 13.11
CA TRP A 114 -30.38 5.40 13.95
C TRP A 114 -30.82 6.54 14.85
N THR A 115 -30.26 6.57 16.06
CA THR A 115 -30.57 7.62 17.03
C THR A 115 -29.41 7.78 18.01
N ILE A 116 -29.22 9.01 18.50
CA ILE A 116 -28.13 9.30 19.42
C ILE A 116 -28.54 8.92 20.84
N VAL A 117 -27.74 8.06 21.47
CA VAL A 117 -28.01 7.65 22.85
C VAL A 117 -27.11 8.37 23.84
N ASN A 118 -25.92 8.77 23.41
CA ASN A 118 -24.97 9.41 24.30
C ASN A 118 -24.26 10.59 23.64
N LYS A 119 -23.89 11.58 24.45
CA LYS A 119 -23.15 12.73 23.96
C LYS A 119 -22.24 13.28 25.04
N VAL A 120 -20.99 13.49 24.68
CA VAL A 120 -20.06 14.22 25.52
C VAL A 120 -19.48 15.33 24.67
N PHE A 121 -18.99 16.39 25.29
CA PHE A 121 -18.41 17.48 24.52
C PHE A 121 -17.24 18.15 25.25
N HIS A 122 -16.43 18.84 24.48
CA HIS A 122 -15.39 19.71 25.01
C HIS A 122 -15.59 21.13 24.50
N LEU A 123 -15.61 22.09 25.41
CA LEU A 123 -15.66 23.49 25.06
C LEU A 123 -14.24 24.03 25.01
N HIS A 124 -13.83 24.48 23.82
CA HIS A 124 -12.48 24.95 23.60
C HIS A 124 -12.23 26.31 24.24
N ALA A 125 -11.06 26.44 24.89
CA ALA A 125 -10.67 27.68 25.53
C ALA A 125 -10.17 28.68 24.49
N GLY B 1 -12.63 -15.81 -0.27
CA GLY B 1 -13.27 -14.52 0.08
C GLY B 1 -12.89 -14.09 1.49
N MSE B 2 -12.31 -12.91 1.60
CA MSE B 2 -11.81 -12.42 2.87
C MSE B 2 -12.91 -11.64 3.60
O MSE B 2 -13.70 -10.93 2.99
CB MSE B 2 -10.57 -11.54 2.64
CG MSE B 2 -9.67 -11.39 3.86
SE MSE B 2 -8.16 -10.17 3.58
CE MSE B 2 -7.47 -10.93 1.92
N SER B 3 -12.94 -11.80 4.91
CA SER B 3 -13.85 -11.03 5.75
C SER B 3 -13.13 -9.80 6.28
N VAL B 4 -13.88 -8.72 6.50
CA VAL B 4 -13.30 -7.49 7.04
C VAL B 4 -13.61 -7.34 8.52
N LYS B 5 -14.26 -8.35 9.10
CA LYS B 5 -14.50 -8.37 10.53
C LYS B 5 -13.17 -8.18 11.27
N VAL B 6 -13.10 -7.14 12.10
CA VAL B 6 -11.86 -6.80 12.80
C VAL B 6 -11.54 -7.87 13.84
N SER B 7 -10.39 -8.52 13.68
CA SER B 7 -9.98 -9.63 14.55
C SER B 7 -8.78 -9.27 15.43
N VAL B 8 -8.70 -9.89 16.59
CA VAL B 8 -7.56 -9.69 17.50
C VAL B 8 -6.25 -10.12 16.83
N ASP B 9 -6.34 -11.00 15.85
CA ASP B 9 -5.16 -11.50 15.15
C ASP B 9 -4.49 -10.38 14.36
N ASP B 10 -5.28 -9.64 13.60
CA ASP B 10 -4.75 -8.55 12.79
C ASP B 10 -4.31 -7.37 13.66
N ILE B 11 -5.03 -7.13 14.75
CA ILE B 11 -4.66 -6.11 15.70
C ILE B 11 -3.29 -6.42 16.30
N ASP B 12 -2.98 -7.71 16.43
CA ASP B 12 -1.71 -8.14 17.02
C ASP B 12 -0.57 -8.14 16.00
N GLY B 13 -0.90 -8.27 14.72
CA GLY B 13 0.11 -8.24 13.67
C GLY B 13 0.54 -6.82 13.40
N ILE B 14 -0.43 -5.92 13.42
CA ILE B 14 -0.20 -4.50 13.21
C ILE B 14 0.53 -3.90 14.38
N THR B 15 0.22 -4.38 15.58
CA THR B 15 0.91 -3.91 16.78
C THR B 15 2.36 -4.42 16.75
N GLU B 16 2.54 -5.63 16.22
CA GLU B 16 3.86 -6.22 16.05
C GLU B 16 4.79 -5.34 15.23
N VAL B 17 4.36 -5.03 14.00
CA VAL B 17 5.19 -4.26 13.08
C VAL B 17 5.43 -2.84 13.61
N LEU B 18 4.39 -2.26 14.21
CA LEU B 18 4.48 -0.92 14.76
C LEU B 18 5.46 -0.88 15.93
N ASN B 19 5.56 -1.99 16.67
CA ASN B 19 6.51 -2.11 17.76
C ASN B 19 7.95 -2.17 17.26
N VAL B 20 8.16 -2.75 16.09
CA VAL B 20 9.49 -2.83 15.51
C VAL B 20 9.98 -1.43 15.19
N TYR B 21 9.04 -0.53 14.89
CA TYR B 21 9.34 0.84 14.54
C TYR B 21 9.62 1.65 15.80
N MSE B 22 8.74 1.52 16.79
CA MSE B 22 8.87 2.22 18.06
C MSE B 22 10.14 1.81 18.80
O MSE B 22 10.82 2.64 19.40
CB MSE B 22 7.64 1.94 18.94
CG MSE B 22 6.41 2.74 18.56
SE MSE B 22 4.79 2.20 19.50
CE MSE B 22 4.29 0.70 18.38
N ASN B 23 10.46 0.53 18.72
CA ASN B 23 11.64 0.00 19.39
C ASN B 23 12.92 0.47 18.71
N ALA B 24 12.90 0.52 17.38
CA ALA B 24 14.06 0.96 16.62
C ALA B 24 14.24 2.47 16.81
N ALA B 25 13.14 3.15 17.08
CA ALA B 25 13.17 4.58 17.30
C ALA B 25 13.79 4.90 18.65
N GLU B 26 13.75 3.93 19.56
CA GLU B 26 14.25 4.13 20.92
C GLU B 26 15.67 3.59 21.11
N SER B 27 15.97 2.45 20.49
CA SER B 27 17.18 1.69 20.79
C SER B 27 17.88 1.13 19.55
N GLY B 28 17.30 1.36 18.37
CA GLY B 28 17.79 0.70 17.17
C GLY B 28 18.36 1.66 16.14
N THR B 29 18.82 1.09 15.02
CA THR B 29 19.39 1.88 13.94
C THR B 29 18.35 2.08 12.84
N GLY B 30 18.74 2.77 11.77
CA GLY B 30 17.83 3.02 10.67
C GLY B 30 17.51 1.76 9.89
N GLU B 31 18.47 0.83 9.85
CA GLU B 31 18.31 -0.44 9.16
C GLU B 31 17.37 -1.37 9.94
N GLU B 32 17.42 -1.28 11.27
CA GLU B 32 16.53 -2.06 12.12
C GLU B 32 15.12 -1.50 12.04
N MSE B 33 15.03 -0.18 11.86
CA MSE B 33 13.75 0.50 11.70
C MSE B 33 13.14 0.12 10.35
O MSE B 33 11.92 0.03 10.21
CB MSE B 33 13.95 2.01 11.82
CG MSE B 33 12.69 2.85 11.54
SE MSE B 33 12.97 4.74 11.94
CE MSE B 33 12.93 4.64 13.89
N SER B 34 14.00 -0.09 9.37
CA SER B 34 13.60 -0.47 8.02
C SER B 34 12.79 -1.76 7.99
N ALA B 35 13.00 -2.60 9.01
CA ALA B 35 12.35 -3.90 9.09
C ALA B 35 10.83 -3.79 9.16
N ALA B 36 10.34 -2.62 9.56
CA ALA B 36 8.91 -2.41 9.70
C ALA B 36 8.29 -1.74 8.48
N PHE B 37 9.10 -1.48 7.46
CA PHE B 37 8.64 -0.74 6.29
C PHE B 37 8.83 -1.52 4.99
N HIS B 38 7.90 -1.31 4.07
CA HIS B 38 7.97 -1.84 2.72
C HIS B 38 9.19 -1.27 2.01
N LYS B 39 9.67 -1.95 0.98
CA LYS B 39 10.85 -1.52 0.25
C LYS B 39 10.61 -0.16 -0.40
N ASP B 40 9.34 0.14 -0.69
CA ASP B 40 8.98 1.35 -1.41
C ASP B 40 8.10 2.26 -0.56
N ALA B 41 8.30 2.22 0.75
CA ALA B 41 7.56 3.08 1.67
C ALA B 41 7.90 4.55 1.44
N THR B 42 7.02 5.45 1.89
CA THR B 42 7.23 6.88 1.72
C THR B 42 7.09 7.64 3.03
N ILE B 43 7.64 8.85 3.07
CA ILE B 43 7.54 9.71 4.24
C ILE B 43 7.53 11.18 3.82
N PHE B 44 6.47 11.88 4.23
CA PHE B 44 6.35 13.31 4.03
C PHE B 44 6.26 13.99 5.40
N GLY B 45 6.81 15.20 5.51
CA GLY B 45 6.77 15.92 6.78
C GLY B 45 7.53 17.23 6.75
N TYR B 46 7.06 18.19 7.54
CA TYR B 46 7.69 19.50 7.61
C TYR B 46 8.57 19.63 8.84
N VAL B 47 9.74 20.23 8.66
CA VAL B 47 10.53 20.71 9.78
C VAL B 47 10.64 22.22 9.63
N GLY B 48 9.72 22.93 10.27
CA GLY B 48 9.60 24.36 10.07
C GLY B 48 8.81 24.60 8.79
N ASP B 49 9.31 25.50 7.96
CA ASP B 49 8.65 25.82 6.69
C ASP B 49 9.13 24.91 5.58
N LYS B 50 10.23 24.18 5.82
CA LYS B 50 10.82 23.33 4.80
C LYS B 50 10.24 21.93 4.88
N LEU B 51 9.91 21.37 3.72
CA LEU B 51 9.43 19.98 3.64
C LEU B 51 10.63 19.04 3.63
N ALA B 52 11.23 18.84 4.80
CA ALA B 52 12.45 18.04 4.94
C ALA B 52 12.28 16.64 4.38
N PHE B 53 11.12 16.05 4.62
CA PHE B 53 10.81 14.73 4.08
C PHE B 53 9.81 14.86 2.96
N ASN B 54 10.22 14.47 1.77
CA ASN B 54 9.41 14.67 0.57
C ASN B 54 9.24 13.40 -0.27
N GLY B 55 9.30 12.25 0.37
CA GLY B 55 9.01 10.99 -0.31
C GLY B 55 9.90 9.84 0.14
N PRO B 56 11.17 9.86 -0.29
CA PRO B 56 12.10 8.75 -0.03
C PRO B 56 12.14 8.31 1.43
N ILE B 57 11.90 7.03 1.68
CA ILE B 57 11.98 6.49 3.03
C ILE B 57 13.44 6.31 3.43
N LYS B 58 14.32 6.32 2.45
CA LYS B 58 15.74 6.29 2.70
C LYS B 58 16.10 7.43 3.65
N ASP B 59 15.42 8.56 3.50
CA ASP B 59 15.71 9.77 4.28
C ASP B 59 15.45 9.56 5.77
N LEU B 60 14.42 8.77 6.10
CA LEU B 60 14.09 8.49 7.49
C LEU B 60 15.21 7.69 8.16
N TYR B 61 15.68 6.66 7.48
CA TYR B 61 16.74 5.81 8.01
C TYR B 61 18.05 6.58 8.14
N ASP B 62 18.28 7.51 7.22
CA ASP B 62 19.47 8.35 7.26
C ASP B 62 19.42 9.30 8.45
N TRP B 63 18.25 9.87 8.69
CA TRP B 63 18.10 10.85 9.74
C TRP B 63 18.12 10.21 11.12
N HIS B 64 17.78 8.93 11.18
CA HIS B 64 17.74 8.23 12.45
C HIS B 64 19.13 7.71 12.82
N ASN B 65 19.97 7.50 11.81
CA ASN B 65 21.34 7.13 12.03
C ASN B 65 22.15 8.33 12.49
N SER B 66 21.91 9.48 11.86
CA SER B 66 22.57 10.72 12.24
C SER B 66 22.12 11.19 13.62
N ASN B 67 20.81 11.28 13.80
CA ASN B 67 20.22 11.77 15.04
C ASN B 67 20.48 10.80 16.19
N GLY B 68 20.56 9.51 15.87
CA GLY B 68 20.77 8.48 16.88
C GLY B 68 19.48 8.08 17.57
N PRO B 69 19.53 7.02 18.39
CA PRO B 69 18.37 6.52 19.12
C PRO B 69 17.84 7.50 20.17
N ALA B 70 16.52 7.58 20.29
CA ALA B 70 15.89 8.42 21.30
C ALA B 70 15.60 7.60 22.55
N LYS B 71 16.60 7.47 23.41
CA LYS B 71 16.52 6.60 24.57
C LYS B 71 15.37 7.00 25.49
N ASN B 72 14.98 8.27 25.46
CA ASN B 72 13.97 8.79 26.38
C ASN B 72 12.57 8.89 25.77
N VAL B 73 12.40 8.40 24.55
CA VAL B 73 11.13 8.56 23.85
C VAL B 73 10.04 7.70 24.48
N GLN B 74 8.86 8.28 24.62
CA GLN B 74 7.67 7.56 25.05
C GLN B 74 6.72 7.53 23.86
N SER B 75 6.44 6.33 23.37
CA SER B 75 5.61 6.16 22.17
C SER B 75 4.36 5.33 22.49
N ARG B 76 3.26 5.64 21.81
CA ARG B 76 1.98 4.98 22.07
C ARG B 76 1.13 4.90 20.81
N ILE B 77 0.62 3.71 20.49
CA ILE B 77 -0.38 3.57 19.45
C ILE B 77 -1.72 4.08 19.96
N THR B 78 -2.42 4.88 19.15
CA THR B 78 -3.70 5.44 19.56
C THR B 78 -4.86 5.01 18.66
N ASN B 79 -4.54 4.48 17.48
CA ASN B 79 -5.59 4.07 16.55
C ASN B 79 -5.13 2.97 15.60
N ILE B 80 -5.89 1.89 15.58
CA ILE B 80 -5.72 0.85 14.60
C ILE B 80 -7.05 0.66 13.91
N ASP B 81 -7.14 1.15 12.68
CA ASP B 81 -8.33 0.99 11.86
C ASP B 81 -8.06 -0.03 10.75
N ILE B 82 -8.65 -1.21 10.86
CA ILE B 82 -8.34 -2.30 9.94
C ILE B 82 -9.50 -2.65 9.02
N VAL B 83 -9.19 -2.86 7.74
CA VAL B 83 -10.19 -3.35 6.79
C VAL B 83 -9.53 -4.31 5.79
N GLY B 84 -9.48 -5.58 6.15
CA GLY B 84 -9.01 -6.62 5.27
C GLY B 84 -7.52 -6.60 5.06
N THR B 85 -7.10 -6.06 3.92
CA THR B 85 -5.70 -6.09 3.50
C THR B 85 -4.96 -4.79 3.79
N VAL B 86 -5.70 -3.72 4.10
CA VAL B 86 -5.07 -2.44 4.42
C VAL B 86 -5.54 -1.94 5.77
N ALA B 87 -4.84 -0.94 6.29
CA ALA B 87 -5.16 -0.40 7.60
C ALA B 87 -4.53 0.97 7.78
N HIS B 88 -5.08 1.74 8.71
CA HIS B 88 -4.49 3.00 9.15
C HIS B 88 -4.11 2.84 10.60
N ALA B 89 -3.04 3.50 11.03
CA ALA B 89 -2.66 3.50 12.42
C ALA B 89 -2.01 4.83 12.81
N ARG B 90 -2.23 5.26 14.04
CA ARG B 90 -1.63 6.49 14.54
C ARG B 90 -0.75 6.19 15.75
N VAL B 91 0.36 6.91 15.88
CA VAL B 91 1.27 6.74 17.00
C VAL B 91 1.70 8.13 17.50
N GLU B 92 1.76 8.28 18.82
CA GLU B 92 2.20 9.53 19.42
C GLU B 92 3.57 9.33 20.07
N ALA B 93 4.55 10.14 19.66
CA ALA B 93 5.88 10.10 20.27
C ALA B 93 6.14 11.38 21.04
N GLU B 94 6.75 11.22 22.22
CA GLU B 94 7.21 12.35 23.01
C GLU B 94 8.67 12.13 23.41
N ASN B 95 9.40 13.23 23.52
CA ASN B 95 10.81 13.19 23.86
C ASN B 95 11.60 12.26 22.95
N TRP B 96 11.22 12.23 21.68
CA TRP B 96 12.06 11.67 20.64
C TRP B 96 13.21 12.65 20.43
N THR B 97 14.28 12.50 21.19
CA THR B 97 15.36 13.48 21.23
C THR B 97 14.78 14.89 21.41
N ASN B 98 13.83 15.01 22.33
CA ASN B 98 13.17 16.27 22.67
C ASN B 98 12.07 16.67 21.68
N PHE B 99 11.89 15.87 20.63
CA PHE B 99 10.84 16.14 19.65
C PHE B 99 9.54 15.43 20.02
N LYS B 100 8.43 16.04 19.60
CA LYS B 100 7.11 15.44 19.79
C LYS B 100 6.48 15.24 18.42
N PHE B 101 6.14 14.00 18.10
CA PHE B 101 5.61 13.68 16.77
C PHE B 101 4.22 13.08 16.86
N SER B 102 3.47 13.22 15.76
CA SER B 102 2.25 12.45 15.56
C SER B 102 2.37 11.75 14.22
N ASP B 103 2.38 10.42 14.25
CA ASP B 103 2.62 9.61 13.07
C ASP B 103 1.34 8.97 12.57
N LEU B 104 0.98 9.28 11.34
CA LEU B 104 -0.16 8.67 10.68
C LEU B 104 0.33 7.68 9.63
N PHE B 105 -0.06 6.43 9.76
CA PHE B 105 0.47 5.34 8.95
C PHE B 105 -0.61 4.73 8.08
N LEU B 106 -0.19 4.21 6.92
CA LEU B 106 -1.03 3.33 6.11
C LEU B 106 -0.28 2.01 5.99
N LEU B 107 -0.96 0.90 6.25
CA LEU B 107 -0.31 -0.40 6.25
C LEU B 107 -0.91 -1.33 5.21
N LEU B 108 -0.20 -2.43 4.96
CA LEU B 108 -0.59 -3.40 3.95
C LEU B 108 -0.26 -4.81 4.46
N LYS B 109 -1.18 -5.74 4.25
CA LYS B 109 -0.96 -7.14 4.63
C LYS B 109 -0.28 -7.84 3.47
N LEU B 110 0.98 -7.51 3.25
CA LEU B 110 1.76 -8.06 2.15
C LEU B 110 2.02 -9.55 2.35
N ASP B 111 1.21 -10.38 1.69
CA ASP B 111 1.39 -11.82 1.75
C ASP B 111 1.19 -12.35 3.16
N GLY B 112 0.22 -11.77 3.88
CA GLY B 112 -0.12 -12.24 5.21
C GLY B 112 0.68 -11.60 6.33
N LYS B 113 1.61 -10.73 5.96
CA LYS B 113 2.45 -10.04 6.94
C LYS B 113 2.28 -8.53 6.84
N TRP B 114 1.74 -7.94 7.90
CA TRP B 114 1.51 -6.50 7.94
C TRP B 114 2.82 -5.73 7.87
N THR B 115 2.81 -4.63 7.13
CA THR B 115 3.97 -3.77 6.95
C THR B 115 3.53 -2.34 6.61
N ILE B 116 4.32 -1.37 7.06
CA ILE B 116 4.03 0.04 6.86
C ILE B 116 4.47 0.51 5.48
N VAL B 117 3.50 0.97 4.70
CA VAL B 117 3.76 1.40 3.33
C VAL B 117 3.81 2.93 3.19
N ASN B 118 3.22 3.64 4.15
CA ASN B 118 3.19 5.09 4.09
C ASN B 118 3.29 5.74 5.47
N LYS B 119 4.00 6.88 5.52
CA LYS B 119 4.13 7.61 6.77
C LYS B 119 4.10 9.12 6.55
N VAL B 120 3.26 9.81 7.31
CA VAL B 120 3.30 11.27 7.37
C VAL B 120 3.40 11.66 8.84
N PHE B 121 3.95 12.83 9.12
CA PHE B 121 4.11 13.23 10.51
C PHE B 121 4.02 14.74 10.70
N HIS B 122 3.69 15.14 11.92
CA HIS B 122 3.63 16.54 12.29
C HIS B 122 4.47 16.75 13.53
N LEU B 123 5.40 17.71 13.46
CA LEU B 123 6.26 18.06 14.59
C LEU B 123 5.65 19.20 15.40
N HIS B 124 5.14 18.87 16.59
CA HIS B 124 4.39 19.81 17.40
C HIS B 124 5.23 21.00 17.84
N ALA B 125 4.63 22.19 17.75
CA ALA B 125 5.30 23.44 18.13
C ALA B 125 5.61 23.48 19.62
N GLY C 1 5.54 27.47 13.97
CA GLY C 1 4.77 26.18 13.94
C GLY C 1 3.28 26.40 13.79
N MSE C 2 2.58 25.35 13.40
CA MSE C 2 1.13 25.41 13.22
C MSE C 2 0.42 24.68 14.37
O MSE C 2 0.90 23.65 14.85
CB MSE C 2 0.72 24.83 11.87
CG MSE C 2 1.27 25.58 10.66
SE MSE C 2 0.24 27.18 10.17
CE MSE C 2 -1.21 26.29 9.22
N SER C 3 -0.71 25.24 14.80
CA SER C 3 -1.55 24.60 15.80
C SER C 3 -2.23 23.36 15.22
N VAL C 4 -2.51 22.36 16.07
CA VAL C 4 -3.15 21.14 15.59
C VAL C 4 -4.64 21.10 15.94
N LYS C 5 -5.10 22.14 16.62
CA LYS C 5 -6.53 22.27 16.92
C LYS C 5 -7.29 22.12 15.61
N VAL C 6 -8.30 21.25 15.61
CA VAL C 6 -9.03 20.96 14.40
C VAL C 6 -10.02 22.09 14.06
N SER C 7 -9.94 22.58 12.83
CA SER C 7 -10.79 23.68 12.41
C SER C 7 -11.72 23.24 11.29
N VAL C 8 -12.87 23.90 11.18
CA VAL C 8 -13.81 23.67 10.09
C VAL C 8 -13.16 24.02 8.76
N ASP C 9 -12.23 24.97 8.78
CA ASP C 9 -11.54 25.40 7.58
C ASP C 9 -10.72 24.28 6.96
N ASP C 10 -9.94 23.60 7.79
CA ASP C 10 -9.13 22.48 7.32
C ASP C 10 -10.03 21.32 6.91
N ILE C 11 -11.03 21.03 7.73
CA ILE C 11 -12.01 20.00 7.43
C ILE C 11 -12.55 20.19 6.02
N ASP C 12 -12.92 21.42 5.70
CA ASP C 12 -13.46 21.75 4.39
C ASP C 12 -12.42 21.60 3.29
N GLY C 13 -11.19 22.01 3.58
CA GLY C 13 -10.13 21.91 2.61
C GLY C 13 -9.94 20.48 2.17
N ILE C 14 -9.86 19.59 3.15
CA ILE C 14 -9.69 18.17 2.88
C ILE C 14 -10.92 17.60 2.18
N THR C 15 -12.09 17.96 2.66
CA THR C 15 -13.34 17.52 2.04
C THR C 15 -13.30 17.88 0.56
N GLU C 16 -12.77 19.07 0.28
CA GLU C 16 -12.79 19.65 -1.06
C GLU C 16 -11.90 18.86 -2.01
N VAL C 17 -10.71 18.47 -1.54
CA VAL C 17 -9.79 17.70 -2.37
C VAL C 17 -10.29 16.27 -2.51
N LEU C 18 -10.91 15.77 -1.46
CA LEU C 18 -11.52 14.44 -1.50
C LEU C 18 -12.73 14.46 -2.43
N ASN C 19 -13.32 15.65 -2.62
CA ASN C 19 -14.42 15.83 -3.57
C ASN C 19 -13.89 15.75 -4.98
N VAL C 20 -12.71 16.34 -5.20
CA VAL C 20 -12.07 16.30 -6.51
C VAL C 20 -11.84 14.86 -6.94
N TYR C 21 -11.60 13.98 -5.96
CA TYR C 21 -11.33 12.58 -6.24
C TYR C 21 -12.62 11.80 -6.48
N MSE C 22 -13.64 12.07 -5.67
CA MSE C 22 -14.91 11.35 -5.72
C MSE C 22 -15.76 11.74 -6.93
O MSE C 22 -16.57 10.95 -7.42
CB MSE C 22 -15.70 11.57 -4.44
CG MSE C 22 -15.04 11.02 -3.17
SE MSE C 22 -16.07 11.36 -1.54
CE MSE C 22 -16.05 13.30 -1.57
N ASN C 23 -15.57 12.97 -7.41
CA ASN C 23 -16.30 13.46 -8.58
C ASN C 23 -15.64 12.97 -9.86
N ALA C 24 -14.32 12.99 -9.88
CA ALA C 24 -13.56 12.48 -11.02
C ALA C 24 -13.82 10.99 -11.15
N ALA C 25 -13.93 10.30 -10.02
CA ALA C 25 -14.21 8.87 -10.01
C ALA C 25 -15.53 8.60 -10.72
N GLU C 26 -16.49 9.50 -10.54
CA GLU C 26 -17.84 9.30 -11.09
C GLU C 26 -18.01 9.83 -12.51
N SER C 27 -17.21 10.84 -12.89
CA SER C 27 -17.46 11.55 -14.15
C SER C 27 -16.18 11.92 -14.92
N GLY C 28 -15.09 12.14 -14.20
CA GLY C 28 -13.88 12.69 -14.80
C GLY C 28 -12.87 11.68 -15.32
N THR C 29 -11.82 12.20 -15.94
CA THR C 29 -10.73 11.36 -16.46
C THR C 29 -9.67 11.17 -15.38
N GLY C 30 -8.66 10.37 -15.68
CA GLY C 30 -7.57 10.14 -14.76
C GLY C 30 -6.77 11.40 -14.53
N GLU C 31 -6.64 12.22 -15.58
CA GLU C 31 -5.96 13.50 -15.48
C GLU C 31 -6.69 14.46 -14.53
N GLU C 32 -8.01 14.42 -14.54
CA GLU C 32 -8.82 15.24 -13.65
C GLU C 32 -8.73 14.73 -12.22
N MSE C 33 -8.54 13.42 -12.07
CA MSE C 33 -8.46 12.80 -10.76
C MSE C 33 -7.13 13.17 -10.09
O MSE C 33 -7.07 13.31 -8.86
CB MSE C 33 -8.60 11.29 -10.88
CG MSE C 33 -8.35 10.53 -9.59
SE MSE C 33 -8.81 8.64 -9.68
CE MSE C 33 -10.74 8.79 -9.73
N SER C 34 -6.09 13.34 -10.89
CA SER C 34 -4.75 13.57 -10.37
C SER C 34 -4.61 14.96 -9.76
N ALA C 35 -5.58 15.83 -10.04
CA ALA C 35 -5.59 17.18 -9.49
C ALA C 35 -5.73 17.13 -7.98
N ALA C 36 -6.16 15.98 -7.46
CA ALA C 36 -6.37 15.83 -6.03
C ALA C 36 -5.15 15.24 -5.33
N PHE C 37 -4.13 14.91 -6.12
CA PHE C 37 -2.95 14.21 -5.62
C PHE C 37 -1.66 15.00 -5.82
N HIS C 38 -0.76 14.87 -4.86
CA HIS C 38 0.60 15.38 -4.97
C HIS C 38 1.27 14.73 -6.18
N LYS C 39 2.32 15.38 -6.69
CA LYS C 39 3.04 14.84 -7.84
C LYS C 39 3.61 13.46 -7.51
N ASP C 40 4.11 13.31 -6.30
CA ASP C 40 4.76 12.07 -5.88
C ASP C 40 3.89 11.23 -4.97
N ALA C 41 2.58 11.28 -5.22
CA ALA C 41 1.65 10.45 -4.47
C ALA C 41 1.86 8.97 -4.83
N THR C 42 1.36 8.08 -3.97
CA THR C 42 1.49 6.65 -4.19
C THR C 42 0.15 5.96 -4.00
N ILE C 43 0.10 4.68 -4.32
CA ILE C 43 -1.09 3.86 -4.11
C ILE C 43 -0.72 2.38 -4.04
N PHE C 44 -1.24 1.69 -3.02
CA PHE C 44 -1.06 0.25 -2.87
C PHE C 44 -2.42 -0.41 -2.73
N GLY C 45 -2.57 -1.61 -3.28
CA GLY C 45 -3.83 -2.32 -3.19
C GLY C 45 -3.84 -3.63 -3.95
N TYR C 46 -4.55 -4.60 -3.39
CA TYR C 46 -4.68 -5.92 -3.99
C TYR C 46 -5.94 -6.05 -4.84
N VAL C 47 -5.80 -6.73 -5.97
CA VAL C 47 -6.95 -7.24 -6.71
C VAL C 47 -6.81 -8.76 -6.78
N GLY C 48 -7.47 -9.45 -5.85
CA GLY C 48 -7.28 -10.88 -5.71
C GLY C 48 -5.97 -11.09 -4.97
N ASP C 49 -5.14 -12.00 -5.47
CA ASP C 49 -3.87 -12.32 -4.83
C ASP C 49 -2.74 -11.42 -5.32
N LYS C 50 -2.98 -10.73 -6.43
CA LYS C 50 -1.97 -9.86 -7.02
C LYS C 50 -2.03 -8.46 -6.40
N LEU C 51 -0.86 -7.86 -6.18
CA LEU C 51 -0.77 -6.47 -5.73
C LEU C 51 -0.75 -5.56 -6.95
N ALA C 52 -1.93 -5.37 -7.55
CA ALA C 52 -2.06 -4.64 -8.80
C ALA C 52 -1.55 -3.20 -8.68
N PHE C 53 -1.55 -2.67 -7.46
CA PHE C 53 -1.03 -1.33 -7.20
C PHE C 53 0.09 -1.39 -6.15
N ASN C 54 1.30 -1.04 -6.57
CA ASN C 54 2.48 -1.22 -5.72
C ASN C 54 3.38 0.02 -5.69
N GLY C 55 2.78 1.20 -5.69
CA GLY C 55 3.54 2.43 -5.57
C GLY C 55 3.05 3.53 -6.48
N PRO C 56 3.43 3.46 -7.77
CA PRO C 56 3.16 4.56 -8.70
C PRO C 56 1.68 4.97 -8.74
N ILE C 57 1.42 6.25 -8.53
CA ILE C 57 0.07 6.78 -8.60
C ILE C 57 -0.36 6.87 -10.07
N LYS C 58 0.63 6.81 -10.97
CA LYS C 58 0.36 6.78 -12.40
C LYS C 58 -0.62 5.67 -12.73
N ASP C 59 -0.45 4.53 -12.06
CA ASP C 59 -1.27 3.36 -12.33
C ASP C 59 -2.74 3.59 -12.01
N LEU C 60 -2.99 4.48 -11.04
CA LEU C 60 -4.37 4.83 -10.69
C LEU C 60 -5.06 5.58 -11.82
N TYR C 61 -4.37 6.57 -12.38
CA TYR C 61 -4.94 7.37 -13.45
C TYR C 61 -5.14 6.56 -14.73
N ASP C 62 -4.22 5.64 -15.00
CA ASP C 62 -4.29 4.81 -16.21
C ASP C 62 -5.45 3.82 -16.13
N TRP C 63 -5.67 3.27 -14.94
CA TRP C 63 -6.74 2.31 -14.71
C TRP C 63 -8.11 2.98 -14.79
N HIS C 64 -8.15 4.25 -14.38
CA HIS C 64 -9.39 5.01 -14.36
C HIS C 64 -9.74 5.49 -15.76
N ASN C 65 -8.76 5.45 -16.65
CA ASN C 65 -8.98 5.81 -18.05
C ASN C 65 -9.51 4.62 -18.85
N SER C 66 -8.87 3.47 -18.69
CA SER C 66 -9.32 2.25 -19.37
C SER C 66 -10.70 1.85 -18.86
N ASN C 67 -10.82 1.71 -17.53
CA ASN C 67 -12.07 1.30 -16.89
C ASN C 67 -13.18 2.33 -17.08
N GLY C 68 -12.80 3.60 -17.18
CA GLY C 68 -13.75 4.67 -17.42
C GLY C 68 -14.49 5.09 -16.17
N PRO C 69 -15.25 6.19 -16.27
CA PRO C 69 -16.02 6.76 -15.14
C PRO C 69 -17.05 5.79 -14.59
N ALA C 70 -17.29 5.89 -13.28
CA ALA C 70 -18.28 5.06 -12.61
C ALA C 70 -19.55 5.86 -12.30
N LYS C 71 -20.42 5.96 -13.30
CA LYS C 71 -21.61 6.80 -13.20
C LYS C 71 -22.50 6.45 -12.00
N ASN C 72 -22.51 5.18 -11.61
CA ASN C 72 -23.40 4.72 -10.55
C ASN C 72 -22.75 4.66 -9.16
N VAL C 73 -21.59 5.29 -9.03
CA VAL C 73 -20.82 5.17 -7.81
C VAL C 73 -21.36 6.06 -6.71
N GLN C 74 -21.44 5.51 -5.51
CA GLN C 74 -21.80 6.26 -4.31
C GLN C 74 -20.63 6.26 -3.34
N SER C 75 -20.03 7.41 -3.13
CA SER C 75 -18.86 7.52 -2.27
C SER C 75 -19.11 8.47 -1.11
N ARG C 76 -18.59 8.12 0.06
CA ARG C 76 -18.83 8.87 1.27
C ARG C 76 -17.54 8.99 2.06
N ILE C 77 -17.29 10.17 2.60
CA ILE C 77 -16.22 10.36 3.57
C ILE C 77 -16.74 9.97 4.95
N THR C 78 -16.00 9.12 5.65
CA THR C 78 -16.44 8.62 6.95
C THR C 78 -15.47 9.01 8.07
N ASN C 79 -14.30 9.50 7.70
CA ASN C 79 -13.32 9.86 8.71
C ASN C 79 -12.35 10.91 8.17
N ILE C 80 -12.10 11.92 8.98
CA ILE C 80 -11.11 12.95 8.67
C ILE C 80 -10.39 13.27 9.96
N ASP C 81 -9.19 12.73 10.12
CA ASP C 81 -8.36 12.98 11.29
C ASP C 81 -7.24 13.96 10.93
N ILE C 82 -7.34 15.18 11.45
CA ILE C 82 -6.39 16.22 11.08
C ILE C 82 -5.48 16.61 12.24
N VAL C 83 -4.18 16.71 11.95
CA VAL C 83 -3.19 17.12 12.95
C VAL C 83 -2.18 18.09 12.35
N GLY C 84 -2.61 19.35 12.23
CA GLY C 84 -1.72 20.44 11.87
C GLY C 84 -1.45 20.56 10.39
N THR C 85 -0.48 19.80 9.92
CA THR C 85 0.00 19.92 8.55
C THR C 85 -0.15 18.61 7.79
N VAL C 86 -0.68 17.59 8.47
CA VAL C 86 -0.93 16.30 7.84
C VAL C 86 -2.29 15.78 8.31
N ALA C 87 -2.78 14.72 7.68
CA ALA C 87 -4.08 14.18 8.03
C ALA C 87 -4.33 12.79 7.43
N HIS C 88 -5.30 12.09 8.00
CA HIS C 88 -5.79 10.83 7.46
C HIS C 88 -7.26 11.00 7.13
N ALA C 89 -7.75 10.25 6.14
CA ALA C 89 -9.14 10.32 5.73
C ALA C 89 -9.58 8.98 5.15
N ARG C 90 -10.80 8.59 5.48
CA ARG C 90 -11.37 7.36 4.93
C ARG C 90 -12.57 7.69 4.04
N VAL C 91 -12.76 6.88 3.01
CA VAL C 91 -13.85 7.05 2.06
C VAL C 91 -14.36 5.68 1.66
N GLU C 92 -15.68 5.52 1.66
CA GLU C 92 -16.30 4.26 1.25
C GLU C 92 -16.96 4.47 -0.11
N ALA C 93 -16.66 3.58 -1.05
CA ALA C 93 -17.28 3.62 -2.37
C ALA C 93 -18.08 2.35 -2.64
N GLU C 94 -19.20 2.51 -3.34
CA GLU C 94 -20.02 1.39 -3.77
C GLU C 94 -20.42 1.54 -5.24
N ASN C 95 -20.58 0.41 -5.92
CA ASN C 95 -20.90 0.38 -7.35
C ASN C 95 -19.94 1.23 -8.18
N TRP C 96 -18.67 1.21 -7.80
CA TRP C 96 -17.63 1.81 -8.63
C TRP C 96 -17.38 0.84 -9.76
N THR C 97 -18.18 0.94 -10.81
CA THR C 97 -18.24 -0.09 -11.86
C THR C 97 -18.38 -1.48 -11.23
N ASN C 98 -19.32 -1.57 -10.29
CA ASN C 98 -19.70 -2.83 -9.64
C ASN C 98 -18.72 -3.29 -8.55
N PHE C 99 -17.69 -2.50 -8.32
CA PHE C 99 -16.73 -2.79 -7.23
C PHE C 99 -17.15 -2.08 -5.95
N LYS C 100 -16.71 -2.61 -4.81
CA LYS C 100 -16.93 -1.98 -3.52
C LYS C 100 -15.58 -1.76 -2.86
N PHE C 101 -15.16 -0.52 -2.75
CA PHE C 101 -13.85 -0.18 -2.21
C PHE C 101 -13.92 0.45 -0.82
N SER C 102 -12.86 0.27 -0.03
CA SER C 102 -12.63 1.06 1.16
C SER C 102 -11.31 1.78 0.97
N ASP C 103 -11.34 3.11 1.04
CA ASP C 103 -10.16 3.92 0.78
C ASP C 103 -9.59 4.54 2.07
N LEU C 104 -8.30 4.38 2.25
CA LEU C 104 -7.57 5.02 3.34
C LEU C 104 -6.60 6.03 2.75
N PHE C 105 -6.53 7.22 3.36
CA PHE C 105 -5.77 8.32 2.79
C PHE C 105 -4.82 8.95 3.79
N LEU C 106 -3.68 9.41 3.30
CA LEU C 106 -2.85 10.35 4.02
C LEU C 106 -2.79 11.59 3.16
N LEU C 107 -2.87 12.75 3.79
CA LEU C 107 -2.86 14.01 3.06
C LEU C 107 -1.83 14.95 3.65
N LEU C 108 -1.41 15.92 2.85
CA LEU C 108 -0.41 16.89 3.26
C LEU C 108 -0.90 18.29 2.90
N LYS C 109 -0.88 19.19 3.87
CA LYS C 109 -1.18 20.60 3.61
C LYS C 109 0.02 21.23 2.91
N LEU C 110 0.07 21.10 1.59
CA LEU C 110 1.19 21.59 0.80
C LEU C 110 1.04 23.07 0.47
N ASP C 111 1.86 23.90 1.12
CA ASP C 111 1.84 25.34 0.89
C ASP C 111 0.46 25.93 1.17
N GLY C 112 -0.16 25.49 2.26
CA GLY C 112 -1.42 26.05 2.73
C GLY C 112 -2.66 25.41 2.15
N LYS C 113 -2.47 24.45 1.24
CA LYS C 113 -3.60 23.80 0.58
C LYS C 113 -3.44 22.29 0.62
N TRP C 114 -4.51 21.59 1.00
CA TRP C 114 -4.47 20.14 1.20
C TRP C 114 -4.41 19.35 -0.12
N THR C 115 -3.63 18.28 -0.11
CA THR C 115 -3.54 17.36 -1.23
C THR C 115 -3.24 15.96 -0.74
N ILE C 116 -3.76 14.96 -1.44
CA ILE C 116 -3.52 13.58 -1.10
C ILE C 116 -2.10 13.17 -1.48
N VAL C 117 -1.37 12.59 -0.53
CA VAL C 117 -0.03 12.10 -0.81
C VAL C 117 0.01 10.57 -0.87
N ASN C 118 -0.81 9.91 -0.05
CA ASN C 118 -0.83 8.44 0.00
C ASN C 118 -2.24 7.84 -0.06
N LYS C 119 -2.37 6.73 -0.76
CA LYS C 119 -3.64 6.04 -0.89
C LYS C 119 -3.44 4.53 -0.81
N VAL C 120 -4.29 3.86 -0.04
CA VAL C 120 -4.34 2.40 -0.03
C VAL C 120 -5.82 2.00 0.04
N PHE C 121 -6.15 0.84 -0.51
CA PHE C 121 -7.54 0.42 -0.58
C PHE C 121 -7.70 -1.10 -0.46
N HIS C 122 -8.90 -1.52 -0.05
CA HIS C 122 -9.25 -2.93 0.00
C HIS C 122 -10.44 -3.18 -0.88
N LEU C 123 -10.27 -4.04 -1.89
CA LEU C 123 -11.38 -4.48 -2.72
C LEU C 123 -12.21 -5.53 -1.99
N HIS C 124 -13.46 -5.18 -1.71
CA HIS C 124 -14.35 -6.09 -0.98
C HIS C 124 -14.73 -7.31 -1.80
N ALA C 125 -14.61 -8.49 -1.18
CA ALA C 125 -14.92 -9.75 -1.85
C ALA C 125 -16.42 -9.88 -2.06
N GLY D 1 -6.51 28.24 30.52
CA GLY D 1 -7.10 27.59 29.32
C GLY D 1 -6.40 26.28 29.05
N MSE D 2 -7.19 25.25 28.75
CA MSE D 2 -6.68 23.91 28.54
C MSE D 2 -6.35 23.68 27.07
O MSE D 2 -7.06 24.14 26.19
CB MSE D 2 -7.72 22.88 29.00
CG MSE D 2 -7.19 21.45 29.11
SE MSE D 2 -8.60 20.14 29.44
CE MSE D 2 -9.46 21.05 30.93
N SER D 3 -5.25 22.97 26.83
CA SER D 3 -4.87 22.54 25.49
C SER D 3 -5.50 21.18 25.16
N VAL D 4 -5.85 20.96 23.89
CA VAL D 4 -6.40 19.68 23.45
C VAL D 4 -5.34 18.85 22.74
N LYS D 5 -4.10 19.34 22.74
CA LYS D 5 -2.97 18.60 22.19
C LYS D 5 -2.89 17.25 22.89
N VAL D 6 -2.95 16.18 22.10
CA VAL D 6 -3.00 14.83 22.66
C VAL D 6 -1.67 14.45 23.31
N SER D 7 -1.73 14.12 24.60
CA SER D 7 -0.51 13.80 25.35
C SER D 7 -0.42 12.32 25.70
N VAL D 8 0.81 11.86 25.91
CA VAL D 8 1.04 10.48 26.33
C VAL D 8 0.45 10.28 27.73
N ASP D 9 0.39 11.37 28.50
CA ASP D 9 -0.22 11.33 29.82
C ASP D 9 -1.68 10.89 29.72
N ASP D 10 -2.43 11.55 28.85
CA ASP D 10 -3.86 11.27 28.72
C ASP D 10 -4.11 9.92 28.07
N ILE D 11 -3.24 9.53 27.16
CA ILE D 11 -3.34 8.22 26.56
C ILE D 11 -3.23 7.17 27.66
N ASP D 12 -2.27 7.36 28.56
CA ASP D 12 -2.03 6.39 29.64
C ASP D 12 -3.14 6.37 30.66
N GLY D 13 -3.75 7.52 30.92
CA GLY D 13 -4.82 7.63 31.88
C GLY D 13 -6.04 6.89 31.41
N ILE D 14 -6.33 7.04 30.12
CA ILE D 14 -7.46 6.37 29.48
C ILE D 14 -7.19 4.88 29.38
N THR D 15 -5.98 4.52 28.98
CA THR D 15 -5.57 3.13 28.89
C THR D 15 -5.75 2.44 30.23
N GLU D 16 -5.42 3.16 31.30
CA GLU D 16 -5.42 2.62 32.65
C GLU D 16 -6.84 2.26 33.10
N VAL D 17 -7.79 3.17 32.89
CA VAL D 17 -9.17 2.91 33.26
C VAL D 17 -9.74 1.80 32.37
N LEU D 18 -9.37 1.81 31.10
CA LEU D 18 -9.83 0.78 30.18
C LEU D 18 -9.31 -0.59 30.61
N ASN D 19 -8.10 -0.63 31.16
CA ASN D 19 -7.50 -1.84 31.68
C ASN D 19 -8.26 -2.31 32.93
N VAL D 20 -8.76 -1.37 33.72
CA VAL D 20 -9.55 -1.71 34.88
C VAL D 20 -10.78 -2.53 34.46
N TYR D 21 -11.38 -2.14 33.34
CA TYR D 21 -12.56 -2.81 32.80
C TYR D 21 -12.19 -4.15 32.16
N MSE D 22 -11.12 -4.16 31.36
CA MSE D 22 -10.69 -5.35 30.64
C MSE D 22 -10.20 -6.43 31.61
O MSE D 22 -10.30 -7.63 31.33
CB MSE D 22 -9.59 -5.02 29.64
CG MSE D 22 -10.10 -4.31 28.38
SE MSE D 22 -8.67 -3.91 27.11
CE MSE D 22 -7.87 -2.46 28.10
N ASN D 23 -9.66 -6.00 32.75
CA ASN D 23 -9.13 -6.91 33.76
C ASN D 23 -10.23 -7.48 34.65
N ALA D 24 -11.30 -6.72 34.81
CA ALA D 24 -12.47 -7.19 35.56
C ALA D 24 -13.30 -8.13 34.68
N ALA D 25 -13.25 -7.90 33.37
CA ALA D 25 -13.96 -8.76 32.44
C ALA D 25 -13.33 -10.15 32.46
N GLU D 26 -12.02 -10.19 32.65
CA GLU D 26 -11.26 -11.43 32.63
C GLU D 26 -11.24 -12.16 33.97
N SER D 27 -11.20 -11.42 35.06
CA SER D 27 -10.85 -11.99 36.36
C SER D 27 -11.65 -11.43 37.54
N GLY D 28 -12.49 -10.45 37.30
CA GLY D 28 -13.13 -9.71 38.38
C GLY D 28 -14.64 -9.82 38.43
N THR D 29 -15.22 -9.09 39.37
CA THR D 29 -16.67 -9.06 39.56
C THR D 29 -17.24 -7.78 38.95
N GLY D 30 -18.56 -7.64 39.00
CA GLY D 30 -19.24 -6.46 38.51
C GLY D 30 -19.01 -5.24 39.40
N GLU D 31 -18.62 -5.49 40.65
CA GLU D 31 -18.30 -4.41 41.58
C GLU D 31 -16.89 -3.88 41.32
N GLU D 32 -15.99 -4.78 40.93
CA GLU D 32 -14.63 -4.38 40.58
C GLU D 32 -14.62 -3.69 39.23
N MSE D 33 -15.51 -4.14 38.35
CA MSE D 33 -15.61 -3.57 37.01
C MSE D 33 -16.18 -2.16 37.06
O MSE D 33 -15.89 -1.33 36.19
CB MSE D 33 -16.49 -4.45 36.14
CG MSE D 33 -16.79 -3.88 34.77
SE MSE D 33 -17.87 -5.06 33.70
CE MSE D 33 -16.50 -6.35 33.23
N SER D 34 -16.99 -1.87 38.08
CA SER D 34 -17.67 -0.59 38.21
C SER D 34 -16.70 0.52 38.64
N ALA D 35 -15.46 0.14 38.94
CA ALA D 35 -14.45 1.11 39.34
C ALA D 35 -13.95 1.92 38.15
N ALA D 36 -14.23 1.44 36.96
CA ALA D 36 -13.80 2.11 35.75
C ALA D 36 -14.87 3.07 35.23
N PHE D 37 -16.03 3.08 35.90
CA PHE D 37 -17.21 3.78 35.40
C PHE D 37 -17.66 4.91 36.33
N HIS D 38 -18.30 5.92 35.74
CA HIS D 38 -18.94 7.01 36.47
C HIS D 38 -20.17 6.43 37.15
N LYS D 39 -20.55 7.02 38.29
CA LYS D 39 -21.67 6.49 39.07
C LYS D 39 -22.97 6.48 38.26
N ASP D 40 -23.06 7.37 37.28
CA ASP D 40 -24.25 7.50 36.44
C ASP D 40 -23.96 7.09 35.00
N ALA D 41 -23.05 6.14 34.83
CA ALA D 41 -22.69 5.65 33.50
C ALA D 41 -23.85 4.91 32.87
N THR D 42 -23.80 4.70 31.56
CA THR D 42 -24.87 4.02 30.85
C THR D 42 -24.33 2.95 29.93
N ILE D 43 -25.22 2.09 29.46
CA ILE D 43 -24.87 1.04 28.51
C ILE D 43 -26.07 0.67 27.65
N PHE D 44 -25.84 0.57 26.35
CA PHE D 44 -26.86 0.14 25.42
C PHE D 44 -26.30 -0.97 24.52
N GLY D 45 -27.14 -1.95 24.19
CA GLY D 45 -26.72 -3.06 23.36
C GLY D 45 -27.80 -4.10 23.15
N TYR D 46 -27.83 -4.67 21.95
CA TYR D 46 -28.76 -5.74 21.62
C TYR D 46 -28.16 -7.12 21.88
N VAL D 47 -28.98 -8.00 22.45
CA VAL D 47 -28.71 -9.43 22.45
C VAL D 47 -29.76 -10.06 21.56
N GLY D 48 -29.41 -10.24 20.30
CA GLY D 48 -30.36 -10.67 19.29
C GLY D 48 -31.15 -9.47 18.82
N ASP D 49 -32.47 -9.59 18.85
CA ASP D 49 -33.34 -8.46 18.52
C ASP D 49 -34.03 -7.94 19.78
N LYS D 50 -33.46 -8.27 20.93
CA LYS D 50 -33.90 -7.71 22.20
C LYS D 50 -32.88 -6.67 22.66
N LEU D 51 -33.35 -5.52 23.13
CA LEU D 51 -32.45 -4.51 23.69
C LEU D 51 -32.20 -4.85 25.15
N ALA D 52 -31.33 -5.84 25.37
CA ALA D 52 -31.04 -6.34 26.72
C ALA D 52 -30.48 -5.26 27.64
N PHE D 53 -29.74 -4.32 27.07
CA PHE D 53 -29.20 -3.21 27.84
C PHE D 53 -29.78 -1.91 27.30
N ASN D 54 -30.51 -1.19 28.16
CA ASN D 54 -31.24 0.00 27.74
C ASN D 54 -31.04 1.20 28.67
N GLY D 55 -29.82 1.37 29.18
CA GLY D 55 -29.49 2.54 29.98
C GLY D 55 -28.69 2.21 31.24
N PRO D 56 -29.38 1.73 32.28
CA PRO D 56 -28.74 1.49 33.58
C PRO D 56 -27.48 0.63 33.50
N ILE D 57 -26.35 1.19 33.92
CA ILE D 57 -25.08 0.48 33.96
C ILE D 57 -25.09 -0.61 35.04
N LYS D 58 -26.09 -0.58 35.92
CA LYS D 58 -26.23 -1.62 36.93
C LYS D 58 -26.52 -2.97 36.29
N ASP D 59 -27.05 -2.94 35.07
CA ASP D 59 -27.39 -4.17 34.35
C ASP D 59 -26.14 -4.87 33.84
N LEU D 60 -25.07 -4.10 33.63
CA LEU D 60 -23.79 -4.65 33.18
C LEU D 60 -23.09 -5.39 34.32
N TYR D 61 -23.13 -4.79 35.51
CA TYR D 61 -22.48 -5.40 36.67
C TYR D 61 -23.21 -6.68 37.08
N ASP D 62 -24.54 -6.61 37.10
CA ASP D 62 -25.35 -7.77 37.46
C ASP D 62 -25.17 -8.90 36.46
N TRP D 63 -25.03 -8.56 35.18
CA TRP D 63 -24.81 -9.57 34.15
C TRP D 63 -23.44 -10.22 34.29
N HIS D 64 -22.42 -9.40 34.56
CA HIS D 64 -21.06 -9.90 34.67
C HIS D 64 -20.93 -10.82 35.86
N ASN D 65 -21.79 -10.64 36.85
CA ASN D 65 -21.76 -11.47 38.06
C ASN D 65 -22.41 -12.82 37.83
N SER D 66 -23.47 -12.84 37.02
CA SER D 66 -24.16 -14.08 36.68
C SER D 66 -23.38 -14.91 35.67
N ASN D 67 -22.94 -14.26 34.59
CA ASN D 67 -22.16 -14.94 33.55
C ASN D 67 -20.78 -15.36 34.05
N GLY D 68 -20.22 -14.58 34.97
CA GLY D 68 -18.94 -14.90 35.56
C GLY D 68 -17.77 -14.36 34.76
N PRO D 69 -16.56 -14.44 35.34
CA PRO D 69 -15.32 -13.99 34.71
C PRO D 69 -14.99 -14.75 33.44
N ALA D 70 -14.56 -14.02 32.41
CA ALA D 70 -14.18 -14.63 31.15
C ALA D 70 -12.68 -14.91 31.14
N LYS D 71 -12.29 -16.03 31.74
CA LYS D 71 -10.87 -16.35 31.91
C LYS D 71 -10.10 -16.36 30.59
N ASN D 72 -10.78 -16.69 29.49
CA ASN D 72 -10.11 -16.87 28.21
C ASN D 72 -10.27 -15.68 27.28
N VAL D 73 -10.87 -14.62 27.79
CA VAL D 73 -11.17 -13.45 26.97
C VAL D 73 -9.87 -12.83 26.48
N GLN D 74 -9.91 -12.26 25.28
CA GLN D 74 -8.78 -11.51 24.74
C GLN D 74 -9.28 -10.13 24.30
N SER D 75 -8.82 -9.09 24.99
CA SER D 75 -9.30 -7.74 24.77
C SER D 75 -8.17 -6.84 24.29
N ARG D 76 -8.48 -5.99 23.32
CA ARG D 76 -7.52 -5.05 22.76
C ARG D 76 -8.15 -3.67 22.59
N ILE D 77 -7.45 -2.62 23.01
CA ILE D 77 -7.84 -1.27 22.65
C ILE D 77 -7.42 -1.02 21.21
N THR D 78 -8.29 -0.37 20.43
CA THR D 78 -8.00 -0.12 19.01
C THR D 78 -8.16 1.36 18.62
N ASN D 79 -8.63 2.18 19.54
CA ASN D 79 -8.77 3.61 19.27
C ASN D 79 -8.91 4.43 20.54
N ILE D 80 -8.12 5.48 20.65
CA ILE D 80 -8.24 6.45 21.72
C ILE D 80 -8.23 7.82 21.06
N ASP D 81 -9.39 8.45 21.02
CA ASP D 81 -9.54 9.77 20.44
C ASP D 81 -9.80 10.77 21.57
N ILE D 82 -8.77 11.54 21.92
CA ILE D 82 -8.85 12.45 23.06
C ILE D 82 -8.97 13.90 22.62
N VAL D 83 -9.84 14.64 23.30
CA VAL D 83 -9.93 16.09 23.10
C VAL D 83 -10.24 16.78 24.42
N GLY D 84 -9.19 17.25 25.09
CA GLY D 84 -9.32 17.95 26.35
C GLY D 84 -9.87 17.10 27.49
N THR D 85 -11.15 17.29 27.78
CA THR D 85 -11.78 16.71 28.95
C THR D 85 -12.66 15.49 28.63
N VAL D 86 -12.82 15.18 27.35
CA VAL D 86 -13.61 14.01 26.94
C VAL D 86 -12.83 13.21 25.91
N ALA D 87 -13.33 12.00 25.61
CA ALA D 87 -12.64 11.09 24.72
C ALA D 87 -13.56 9.96 24.24
N HIS D 88 -13.13 9.31 23.16
CA HIS D 88 -13.77 8.11 22.68
C HIS D 88 -12.73 7.00 22.66
N ALA D 89 -13.18 5.78 22.94
CA ALA D 89 -12.31 4.62 22.92
C ALA D 89 -13.04 3.43 22.32
N ARG D 90 -12.31 2.54 21.67
CA ARG D 90 -12.89 1.29 21.17
C ARG D 90 -12.09 0.11 21.71
N VAL D 91 -12.80 -0.96 22.08
CA VAL D 91 -12.17 -2.17 22.58
C VAL D 91 -12.79 -3.37 21.86
N GLU D 92 -11.96 -4.31 21.45
CA GLU D 92 -12.45 -5.53 20.83
C GLU D 92 -12.15 -6.71 21.77
N ALA D 93 -13.17 -7.49 22.06
CA ALA D 93 -13.01 -8.66 22.91
C ALA D 93 -13.38 -9.93 22.15
N GLU D 94 -12.61 -11.00 22.39
CA GLU D 94 -12.89 -12.28 21.79
C GLU D 94 -12.87 -13.36 22.87
N ASN D 95 -13.77 -14.32 22.76
CA ASN D 95 -13.88 -15.38 23.75
C ASN D 95 -14.15 -14.81 25.13
N TRP D 96 -15.02 -13.80 25.18
CA TRP D 96 -15.64 -13.37 26.42
C TRP D 96 -16.73 -14.39 26.67
N THR D 97 -16.38 -15.49 27.33
CA THR D 97 -17.25 -16.66 27.43
C THR D 97 -17.81 -17.03 26.05
N ASN D 98 -16.91 -17.18 25.08
CA ASN D 98 -17.24 -17.54 23.69
C ASN D 98 -17.93 -16.43 22.88
N PHE D 99 -18.00 -15.23 23.45
CA PHE D 99 -18.66 -14.11 22.78
C PHE D 99 -17.62 -13.16 22.21
N LYS D 100 -17.94 -12.58 21.06
CA LYS D 100 -17.09 -11.57 20.42
C LYS D 100 -17.80 -10.22 20.51
N PHE D 101 -17.16 -9.23 21.13
CA PHE D 101 -17.77 -7.93 21.36
C PHE D 101 -16.99 -6.79 20.72
N SER D 102 -17.72 -5.80 20.19
CA SER D 102 -17.13 -4.51 19.86
C SER D 102 -17.68 -3.50 20.84
N ASP D 103 -16.78 -2.87 21.61
CA ASP D 103 -17.17 -1.91 22.63
C ASP D 103 -16.78 -0.50 22.20
N LEU D 104 -17.73 0.43 22.28
CA LEU D 104 -17.48 1.85 22.06
C LEU D 104 -17.72 2.60 23.36
N PHE D 105 -16.79 3.49 23.71
CA PHE D 105 -16.82 4.19 24.99
C PHE D 105 -16.77 5.69 24.77
N LEU D 106 -17.38 6.42 25.70
CA LEU D 106 -17.14 7.85 25.84
C LEU D 106 -16.61 8.00 27.25
N LEU D 107 -15.54 8.79 27.39
CA LEU D 107 -14.91 8.99 28.68
C LEU D 107 -14.83 10.47 29.03
N LEU D 108 -14.95 10.74 30.32
CA LEU D 108 -14.82 12.08 30.86
C LEU D 108 -13.62 12.13 31.78
N LYS D 109 -12.90 13.25 31.74
CA LYS D 109 -11.81 13.47 32.66
C LYS D 109 -12.43 14.15 33.86
N LEU D 110 -12.98 13.35 34.77
CA LEU D 110 -13.67 13.86 35.93
C LEU D 110 -12.67 14.22 37.02
N ASP D 111 -12.44 15.50 37.21
CA ASP D 111 -11.50 15.98 38.22
C ASP D 111 -10.11 15.41 37.97
N GLY D 112 -9.66 15.52 36.73
CA GLY D 112 -8.30 15.14 36.38
C GLY D 112 -8.09 13.65 36.21
N LYS D 113 -9.09 12.86 36.61
CA LYS D 113 -9.03 11.42 36.48
C LYS D 113 -10.07 10.90 35.48
N TRP D 114 -9.61 10.18 34.47
CA TRP D 114 -10.48 9.64 33.42
C TRP D 114 -11.39 8.55 33.94
N THR D 115 -12.62 8.53 33.42
CA THR D 115 -13.64 7.56 33.83
C THR D 115 -14.62 7.36 32.68
N ILE D 116 -15.09 6.12 32.52
CA ILE D 116 -16.06 5.81 31.47
C ILE D 116 -17.45 6.28 31.87
N VAL D 117 -18.07 7.10 31.02
CA VAL D 117 -19.43 7.58 31.27
C VAL D 117 -20.48 6.87 30.41
N ASN D 118 -20.08 6.49 29.20
CA ASN D 118 -21.00 5.81 28.27
C ASN D 118 -20.36 4.60 27.61
N LYS D 119 -21.19 3.58 27.35
CA LYS D 119 -20.73 2.38 26.66
C LYS D 119 -21.85 1.82 25.79
N VAL D 120 -21.49 1.46 24.56
CA VAL D 120 -22.39 0.75 23.67
C VAL D 120 -21.59 -0.41 23.11
N PHE D 121 -22.26 -1.48 22.68
CA PHE D 121 -21.57 -2.64 22.17
C PHE D 121 -22.35 -3.37 21.08
N HIS D 122 -21.62 -4.10 20.24
CA HIS D 122 -22.24 -4.99 19.27
C HIS D 122 -21.73 -6.40 19.48
N LEU D 123 -22.68 -7.33 19.66
CA LEU D 123 -22.38 -8.76 19.68
C LEU D 123 -22.32 -9.28 18.26
N HIS D 124 -21.20 -9.89 17.90
CA HIS D 124 -20.98 -10.37 16.55
C HIS D 124 -21.65 -11.71 16.30
N ALA D 125 -22.11 -11.91 15.07
CA ALA D 125 -22.78 -13.15 14.70
C ALA D 125 -21.75 -14.25 14.45
N GLY E 1 10.66 -32.00 -38.85
CA GLY E 1 11.08 -30.68 -38.27
C GLY E 1 10.11 -29.56 -38.61
N MSE E 2 10.41 -28.36 -38.12
CA MSE E 2 9.54 -27.21 -38.33
C MSE E 2 9.87 -26.51 -39.65
O MSE E 2 10.99 -26.57 -40.16
CB MSE E 2 9.70 -26.20 -37.19
CG MSE E 2 9.24 -26.72 -35.83
SE MSE E 2 7.32 -27.14 -35.79
CE MSE E 2 6.62 -25.36 -36.16
N SER E 3 8.86 -25.85 -40.22
CA SER E 3 9.06 -24.96 -41.36
C SER E 3 9.71 -23.68 -40.87
N VAL E 4 10.59 -23.10 -41.68
CA VAL E 4 11.24 -21.85 -41.31
C VAL E 4 10.47 -20.66 -41.82
N LYS E 5 9.37 -20.91 -42.53
CA LYS E 5 8.53 -19.83 -43.02
C LYS E 5 8.04 -18.96 -41.87
N VAL E 6 8.32 -17.67 -41.96
CA VAL E 6 7.91 -16.74 -40.91
C VAL E 6 6.40 -16.58 -40.92
N SER E 7 5.79 -16.76 -39.75
CA SER E 7 4.34 -16.71 -39.62
C SER E 7 3.91 -15.65 -38.62
N VAL E 8 2.72 -15.09 -38.84
CA VAL E 8 2.11 -14.17 -37.90
C VAL E 8 1.97 -14.83 -36.53
N ASP E 9 1.93 -16.15 -36.52
CA ASP E 9 1.75 -16.91 -35.29
C ASP E 9 2.95 -16.77 -34.38
N ASP E 10 4.14 -17.01 -34.92
CA ASP E 10 5.38 -16.98 -34.15
C ASP E 10 5.80 -15.54 -33.83
N ILE E 11 5.42 -14.62 -34.71
CA ILE E 11 5.68 -13.21 -34.50
C ILE E 11 4.96 -12.74 -33.27
N ASP E 12 3.75 -13.25 -33.05
CA ASP E 12 2.94 -12.89 -31.90
C ASP E 12 3.35 -13.66 -30.64
N GLY E 13 3.81 -14.89 -30.83
CA GLY E 13 4.28 -15.69 -29.71
C GLY E 13 5.55 -15.08 -29.14
N ILE E 14 6.34 -14.45 -30.00
CA ILE E 14 7.57 -13.81 -29.57
C ILE E 14 7.29 -12.43 -29.00
N THR E 15 6.30 -11.75 -29.57
CA THR E 15 5.90 -10.44 -29.07
C THR E 15 5.27 -10.57 -27.69
N GLU E 16 4.54 -11.66 -27.46
CA GLU E 16 3.84 -11.86 -26.20
C GLU E 16 4.84 -12.06 -25.06
N VAL E 17 5.86 -12.89 -25.31
CA VAL E 17 6.87 -13.14 -24.28
C VAL E 17 7.74 -11.90 -24.06
N LEU E 18 7.95 -11.12 -25.12
CA LEU E 18 8.73 -9.89 -25.02
C LEU E 18 7.95 -8.83 -24.26
N ASN E 19 6.62 -8.88 -24.37
CA ASN E 19 5.72 -7.99 -23.64
C ASN E 19 5.71 -8.33 -22.15
N VAL E 20 6.02 -9.58 -21.83
CA VAL E 20 6.12 -9.98 -20.43
C VAL E 20 7.33 -9.30 -19.80
N TYR E 21 8.46 -9.35 -20.52
CA TYR E 21 9.69 -8.72 -20.06
C TYR E 21 9.55 -7.21 -19.98
N MSE E 22 8.98 -6.61 -21.02
CA MSE E 22 8.84 -5.15 -21.11
C MSE E 22 7.85 -4.61 -20.09
O MSE E 22 8.00 -3.50 -19.61
CB MSE E 22 8.38 -4.75 -22.51
CG MSE E 22 9.44 -4.81 -23.59
SE MSE E 22 8.80 -4.21 -25.34
CE MSE E 22 7.74 -5.75 -25.75
N ASN E 23 6.82 -5.40 -19.80
CA ASN E 23 5.82 -4.99 -18.82
C ASN E 23 6.39 -5.07 -17.42
N ALA E 24 7.16 -6.12 -17.15
CA ALA E 24 7.79 -6.31 -15.86
C ALA E 24 8.79 -5.20 -15.61
N ALA E 25 9.42 -4.74 -16.69
CA ALA E 25 10.37 -3.65 -16.61
C ALA E 25 9.69 -2.43 -16.01
N GLU E 26 8.50 -2.12 -16.53
CA GLU E 26 7.80 -0.89 -16.22
C GLU E 26 7.06 -0.90 -14.89
N SER E 27 6.44 -2.02 -14.56
CA SER E 27 5.59 -2.09 -13.37
C SER E 27 5.60 -3.45 -12.67
N GLY E 28 6.66 -4.22 -12.87
CA GLY E 28 6.73 -5.58 -12.33
C GLY E 28 7.93 -5.87 -11.46
N THR E 29 7.96 -7.07 -10.90
CA THR E 29 9.06 -7.50 -10.05
C THR E 29 10.01 -8.38 -10.85
N GLY E 30 11.15 -8.70 -10.25
CA GLY E 30 12.14 -9.55 -10.88
C GLY E 30 11.57 -10.92 -11.15
N GLU E 31 10.83 -11.44 -10.18
CA GLU E 31 10.21 -12.75 -10.30
C GLU E 31 9.20 -12.75 -11.44
N GLU E 32 8.46 -11.65 -11.58
CA GLU E 32 7.49 -11.51 -12.64
C GLU E 32 8.17 -11.38 -14.00
N MSE E 33 9.42 -10.92 -13.98
CA MSE E 33 10.18 -10.72 -15.19
C MSE E 33 10.77 -12.03 -15.71
O MSE E 33 10.96 -12.21 -16.91
CB MSE E 33 11.30 -9.69 -14.94
CG MSE E 33 12.32 -9.60 -16.07
SE MSE E 33 13.60 -8.16 -15.86
CE MSE E 33 12.44 -6.69 -16.40
N SER E 34 11.05 -12.95 -14.79
CA SER E 34 11.67 -14.23 -15.14
C SER E 34 10.71 -15.17 -15.86
N ALA E 35 9.43 -14.80 -15.87
CA ALA E 35 8.40 -15.60 -16.54
C ALA E 35 8.59 -15.58 -18.06
N ALA E 36 9.45 -14.67 -18.53
CA ALA E 36 9.73 -14.56 -19.96
C ALA E 36 11.10 -15.17 -20.28
N PHE E 37 11.75 -15.73 -19.28
CA PHE E 37 13.11 -16.24 -19.43
C PHE E 37 13.23 -17.73 -19.09
N HIS E 38 13.97 -18.45 -19.93
CA HIS E 38 14.33 -19.84 -19.68
C HIS E 38 15.00 -19.95 -18.31
N LYS E 39 14.91 -21.12 -17.69
CA LYS E 39 15.50 -21.33 -16.37
C LYS E 39 17.03 -21.25 -16.41
N ASP E 40 17.61 -21.40 -17.58
CA ASP E 40 19.06 -21.36 -17.74
C ASP E 40 19.49 -20.18 -18.61
N ALA E 41 18.63 -19.18 -18.70
CA ALA E 41 18.92 -18.00 -19.52
C ALA E 41 20.14 -17.27 -18.97
N THR E 42 20.75 -16.46 -19.83
CA THR E 42 21.94 -15.70 -19.43
C THR E 42 21.77 -14.22 -19.74
N ILE E 43 22.67 -13.41 -19.18
CA ILE E 43 22.72 -11.98 -19.45
C ILE E 43 24.15 -11.46 -19.34
N PHE E 44 24.62 -10.80 -20.39
CA PHE E 44 25.92 -10.13 -20.36
C PHE E 44 25.74 -8.65 -20.69
N GLY E 45 26.53 -7.79 -20.07
CA GLY E 45 26.44 -6.37 -20.32
C GLY E 45 27.33 -5.53 -19.42
N TYR E 46 27.75 -4.38 -19.93
CA TYR E 46 28.62 -3.46 -19.20
C TYR E 46 27.83 -2.33 -18.55
N VAL E 47 28.33 -1.87 -17.41
CA VAL E 47 27.91 -0.62 -16.79
C VAL E 47 29.17 0.20 -16.54
N GLY E 48 29.49 1.06 -17.49
CA GLY E 48 30.75 1.78 -17.47
C GLY E 48 31.83 0.84 -17.96
N ASP E 49 32.94 0.80 -17.25
CA ASP E 49 34.03 -0.11 -17.58
C ASP E 49 33.86 -1.46 -16.90
N LYS E 50 32.85 -1.56 -16.03
CA LYS E 50 32.63 -2.81 -15.28
C LYS E 50 31.65 -3.73 -15.99
N LEU E 51 31.96 -5.02 -16.02
CA LEU E 51 31.07 -6.03 -16.57
C LEU E 51 30.07 -6.45 -15.50
N ALA E 52 29.02 -5.65 -15.33
CA ALA E 52 28.06 -5.83 -14.25
C ALA E 52 27.31 -7.15 -14.35
N PHE E 53 27.10 -7.61 -15.58
CA PHE E 53 26.43 -8.89 -15.82
C PHE E 53 27.36 -9.82 -16.59
N ASN E 54 27.62 -10.99 -16.01
CA ASN E 54 28.59 -11.90 -16.58
C ASN E 54 28.07 -13.33 -16.76
N GLY E 55 26.77 -13.45 -17.02
CA GLY E 55 26.18 -14.74 -17.32
C GLY E 55 24.86 -15.03 -16.61
N PRO E 56 24.90 -15.08 -15.27
CA PRO E 56 23.71 -15.43 -14.49
C PRO E 56 22.52 -14.48 -14.67
N ILE E 57 21.40 -15.03 -15.12
CA ILE E 57 20.16 -14.27 -15.27
C ILE E 57 19.61 -13.83 -13.92
N LYS E 58 20.01 -14.53 -12.86
CA LYS E 58 19.57 -14.19 -11.51
C LYS E 58 19.97 -12.78 -11.14
N ASP E 59 21.06 -12.30 -11.74
CA ASP E 59 21.58 -10.97 -11.47
C ASP E 59 20.68 -9.89 -12.05
N LEU E 60 19.91 -10.27 -13.08
CA LEU E 60 18.95 -9.35 -13.68
C LEU E 60 17.71 -9.20 -12.81
N TYR E 61 17.29 -10.31 -12.19
CA TYR E 61 16.09 -10.33 -11.36
C TYR E 61 16.33 -9.66 -10.02
N ASP E 62 17.55 -9.76 -9.52
CA ASP E 62 17.93 -9.13 -8.25
C ASP E 62 18.05 -7.62 -8.43
N TRP E 63 18.68 -7.21 -9.54
CA TRP E 63 18.87 -5.79 -9.83
C TRP E 63 17.56 -5.10 -10.11
N HIS E 64 16.62 -5.81 -10.73
CA HIS E 64 15.33 -5.22 -11.04
C HIS E 64 14.47 -5.09 -9.78
N ASN E 65 14.81 -5.89 -8.76
CA ASN E 65 14.15 -5.81 -7.47
C ASN E 65 14.67 -4.62 -6.66
N SER E 66 15.99 -4.39 -6.73
CA SER E 66 16.62 -3.28 -6.00
C SER E 66 16.26 -1.95 -6.63
N ASN E 67 16.61 -1.81 -7.90
CA ASN E 67 16.32 -0.61 -8.68
C ASN E 67 14.82 -0.31 -8.70
N GLY E 68 14.01 -1.35 -8.84
CA GLY E 68 12.57 -1.21 -8.86
C GLY E 68 12.05 -0.97 -10.27
N PRO E 69 10.71 -1.02 -10.42
CA PRO E 69 10.04 -0.78 -11.70
C PRO E 69 10.33 0.61 -12.26
N ALA E 70 10.39 0.71 -13.58
CA ALA E 70 10.65 1.97 -14.27
C ALA E 70 9.38 2.52 -14.89
N LYS E 71 8.53 3.12 -14.07
CA LYS E 71 7.21 3.56 -14.50
C LYS E 71 7.21 4.50 -15.73
N ASN E 72 8.37 5.03 -16.09
CA ASN E 72 8.46 5.99 -17.19
C ASN E 72 9.19 5.45 -18.42
N VAL E 73 9.39 4.14 -18.47
CA VAL E 73 10.17 3.52 -19.53
C VAL E 73 9.33 3.37 -20.78
N GLN E 74 9.95 3.63 -21.94
CA GLN E 74 9.32 3.41 -23.22
C GLN E 74 10.08 2.33 -24.00
N SER E 75 9.48 1.16 -24.14
CA SER E 75 10.13 0.02 -24.76
C SER E 75 9.53 -0.28 -26.12
N ARG E 76 10.38 -0.54 -27.12
CA ARG E 76 9.93 -0.83 -28.47
C ARG E 76 10.69 -2.01 -29.04
N ILE E 77 9.97 -3.01 -29.54
CA ILE E 77 10.59 -4.07 -30.32
C ILE E 77 10.94 -3.49 -31.68
N THR E 78 12.19 -3.67 -32.11
CA THR E 78 12.62 -3.12 -33.40
C THR E 78 12.98 -4.22 -34.41
N ASN E 79 13.27 -5.42 -33.92
CA ASN E 79 13.57 -6.55 -34.82
C ASN E 79 13.12 -7.90 -34.27
N ILE E 80 12.64 -8.74 -35.17
CA ILE E 80 12.27 -10.11 -34.85
C ILE E 80 12.65 -10.98 -36.05
N ASP E 81 13.76 -11.70 -35.91
CA ASP E 81 14.26 -12.58 -36.95
C ASP E 81 14.09 -14.04 -36.51
N ILE E 82 13.04 -14.67 -37.02
CA ILE E 82 12.71 -16.03 -36.64
C ILE E 82 13.18 -17.02 -37.71
N VAL E 83 13.54 -18.22 -37.26
CA VAL E 83 13.93 -19.29 -38.17
C VAL E 83 13.57 -20.67 -37.58
N GLY E 84 12.28 -20.98 -37.58
CA GLY E 84 11.82 -22.29 -37.16
C GLY E 84 11.65 -22.43 -35.67
N THR E 85 12.75 -22.74 -34.98
CA THR E 85 12.71 -23.01 -33.55
C THR E 85 13.53 -22.04 -32.70
N VAL E 86 14.29 -21.17 -33.36
CA VAL E 86 15.09 -20.18 -32.66
C VAL E 86 14.82 -18.82 -33.29
N ALA E 87 15.14 -17.75 -32.57
CA ALA E 87 14.90 -16.41 -33.06
C ALA E 87 15.86 -15.41 -32.45
N HIS E 88 15.89 -14.22 -33.05
CA HIS E 88 16.62 -13.08 -32.51
C HIS E 88 15.64 -11.92 -32.43
N ALA E 89 15.75 -11.09 -31.40
CA ALA E 89 14.93 -9.89 -31.29
C ALA E 89 15.76 -8.77 -30.69
N ARG E 90 15.44 -7.54 -31.04
CA ARG E 90 16.07 -6.37 -30.44
C ARG E 90 15.01 -5.46 -29.84
N VAL E 91 15.33 -4.85 -28.71
CA VAL E 91 14.40 -3.96 -28.02
C VAL E 91 15.13 -2.68 -27.62
N GLU E 92 14.45 -1.57 -27.76
CA GLU E 92 14.98 -0.29 -27.32
C GLU E 92 14.18 0.21 -26.13
N ALA E 93 14.88 0.44 -25.02
CA ALA E 93 14.28 1.02 -23.83
C ALA E 93 14.83 2.43 -23.56
N GLU E 94 13.93 3.35 -23.24
CA GLU E 94 14.31 4.72 -22.90
C GLU E 94 13.70 5.10 -21.56
N ASN E 95 14.44 5.89 -20.79
CA ASN E 95 14.02 6.31 -19.46
C ASN E 95 13.68 5.12 -18.55
N TRP E 96 14.41 4.03 -18.73
CA TRP E 96 14.38 2.94 -17.76
C TRP E 96 15.08 3.47 -16.52
N THR E 97 14.33 4.10 -15.63
CA THR E 97 14.91 4.81 -14.49
C THR E 97 16.04 5.73 -14.95
N ASN E 98 15.75 6.53 -15.97
CA ASN E 98 16.69 7.50 -16.51
C ASN E 98 17.87 6.87 -17.25
N PHE E 99 17.68 5.62 -17.72
CA PHE E 99 18.68 4.92 -18.53
C PHE E 99 18.13 4.71 -19.93
N LYS E 100 19.01 4.49 -20.89
CA LYS E 100 18.62 4.11 -22.24
C LYS E 100 19.39 2.85 -22.63
N PHE E 101 18.66 1.77 -22.93
CA PHE E 101 19.27 0.49 -23.23
C PHE E 101 18.98 0.01 -24.66
N SER E 102 19.90 -0.78 -25.21
CA SER E 102 19.63 -1.59 -26.40
C SER E 102 19.80 -3.05 -26.01
N ASP E 103 18.72 -3.83 -26.11
CA ASP E 103 18.73 -5.24 -25.74
C ASP E 103 18.74 -6.15 -26.96
N LEU E 104 19.70 -7.07 -26.99
CA LEU E 104 19.72 -8.12 -28.02
C LEU E 104 19.36 -9.46 -27.39
N PHE E 105 18.39 -10.14 -27.98
CA PHE E 105 17.87 -11.39 -27.42
C PHE E 105 18.04 -12.57 -28.37
N LEU E 106 18.27 -13.73 -27.79
CA LEU E 106 18.11 -14.99 -28.51
C LEU E 106 16.97 -15.75 -27.86
N LEU E 107 16.03 -16.22 -28.67
CA LEU E 107 14.87 -16.94 -28.16
C LEU E 107 14.81 -18.38 -28.65
N LEU E 108 14.12 -19.22 -27.89
CA LEU E 108 13.96 -20.62 -28.19
C LEU E 108 12.50 -21.03 -28.04
N LYS E 109 11.95 -21.61 -29.09
CA LYS E 109 10.61 -22.19 -29.02
C LYS E 109 10.73 -23.47 -28.21
N LEU E 110 10.51 -23.37 -26.91
CA LEU E 110 10.60 -24.51 -26.01
C LEU E 110 9.26 -25.21 -25.91
N ASP E 111 9.17 -26.40 -26.49
CA ASP E 111 7.94 -27.19 -26.45
C ASP E 111 6.78 -26.38 -27.02
N GLY E 112 7.03 -25.68 -28.13
CA GLY E 112 5.99 -24.93 -28.82
C GLY E 112 5.74 -23.54 -28.27
N LYS E 113 6.36 -23.20 -27.14
CA LYS E 113 6.17 -21.88 -26.55
C LYS E 113 7.50 -21.13 -26.50
N TRP E 114 7.50 -19.91 -27.02
CA TRP E 114 8.71 -19.10 -27.08
C TRP E 114 9.13 -18.57 -25.71
N THR E 115 10.44 -18.47 -25.52
CA THR E 115 11.02 -17.98 -24.28
C THR E 115 12.42 -17.45 -24.58
N ILE E 116 12.84 -16.42 -23.86
CA ILE E 116 14.16 -15.83 -24.05
C ILE E 116 15.23 -16.69 -23.38
N VAL E 117 16.24 -17.11 -24.14
CA VAL E 117 17.36 -17.88 -23.58
C VAL E 117 18.62 -17.02 -23.36
N ASN E 118 18.83 -16.02 -24.20
CA ASN E 118 20.00 -15.16 -24.06
C ASN E 118 19.67 -13.68 -24.11
N LYS E 119 20.41 -12.90 -23.33
CA LYS E 119 20.29 -11.46 -23.36
C LYS E 119 21.66 -10.82 -23.25
N VAL E 120 21.86 -9.76 -24.03
CA VAL E 120 22.99 -8.86 -23.87
C VAL E 120 22.42 -7.48 -24.11
N PHE E 121 23.08 -6.46 -23.55
CA PHE E 121 22.59 -5.10 -23.67
C PHE E 121 23.74 -4.13 -23.76
N HIS E 122 23.43 -2.91 -24.21
CA HIS E 122 24.37 -1.81 -24.20
C HIS E 122 23.71 -0.63 -23.50
N LEU E 123 24.40 -0.07 -22.52
CA LEU E 123 23.94 1.13 -21.82
C LEU E 123 24.54 2.36 -22.50
N HIS E 124 23.66 3.14 -23.13
CA HIS E 124 24.09 4.33 -23.87
C HIS E 124 24.62 5.40 -22.92
N ALA E 125 25.78 5.93 -23.26
CA ALA E 125 26.44 6.95 -22.45
C ALA E 125 25.62 8.23 -22.38
N GLY F 1 32.26 8.81 -22.77
CA GLY F 1 31.39 7.68 -23.24
C GLY F 1 31.64 7.34 -24.69
N MSE F 2 31.30 6.12 -25.09
CA MSE F 2 31.53 5.66 -26.45
C MSE F 2 30.31 5.85 -27.35
O MSE F 2 29.17 5.91 -26.86
CB MSE F 2 31.99 4.19 -26.47
CG MSE F 2 30.88 3.18 -26.23
SE MSE F 2 31.45 1.34 -26.56
CE MSE F 2 32.68 1.18 -25.07
N SER F 3 30.56 5.93 -28.64
CA SER F 3 29.51 6.04 -29.65
C SER F 3 29.09 4.66 -30.11
N VAL F 4 27.85 4.54 -30.57
CA VAL F 4 27.34 3.27 -31.09
C VAL F 4 27.27 3.34 -32.61
N LYS F 5 27.79 4.43 -33.16
CA LYS F 5 27.93 4.55 -34.61
C LYS F 5 28.73 3.34 -35.09
N VAL F 6 28.18 2.61 -36.05
CA VAL F 6 28.79 1.38 -36.52
C VAL F 6 30.06 1.69 -37.31
N SER F 7 31.17 1.09 -36.91
CA SER F 7 32.45 1.32 -37.56
C SER F 7 32.93 0.07 -38.28
N VAL F 8 33.75 0.27 -39.32
CA VAL F 8 34.31 -0.82 -40.08
C VAL F 8 35.30 -1.63 -39.22
N ASP F 9 35.82 -1.00 -38.17
CA ASP F 9 36.75 -1.68 -37.28
C ASP F 9 36.02 -2.77 -36.52
N ASP F 10 34.84 -2.43 -35.99
CA ASP F 10 34.02 -3.39 -35.25
C ASP F 10 33.48 -4.46 -36.17
N ILE F 11 33.10 -4.07 -37.38
CA ILE F 11 32.63 -5.03 -38.37
C ILE F 11 33.70 -6.10 -38.58
N ASP F 12 34.94 -5.68 -38.78
CA ASP F 12 36.05 -6.60 -39.00
C ASP F 12 36.39 -7.40 -37.75
N GLY F 13 36.23 -6.77 -36.59
CA GLY F 13 36.50 -7.44 -35.33
C GLY F 13 35.57 -8.63 -35.15
N ILE F 14 34.30 -8.43 -35.47
CA ILE F 14 33.31 -9.48 -35.34
C ILE F 14 33.53 -10.53 -36.40
N THR F 15 33.73 -10.07 -37.64
CA THR F 15 33.98 -10.95 -38.75
C THR F 15 35.15 -11.87 -38.45
N GLU F 16 36.12 -11.36 -37.71
CA GLU F 16 37.34 -12.10 -37.41
C GLU F 16 37.04 -13.29 -36.50
N VAL F 17 36.31 -13.03 -35.42
CA VAL F 17 35.99 -14.10 -34.46
C VAL F 17 35.01 -15.09 -35.05
N LEU F 18 34.14 -14.62 -35.95
CA LEU F 18 33.23 -15.51 -36.66
C LEU F 18 34.04 -16.39 -37.60
N ASN F 19 35.06 -15.82 -38.21
CA ASN F 19 35.94 -16.55 -39.11
C ASN F 19 36.71 -17.64 -38.38
N VAL F 20 36.96 -17.43 -37.09
CA VAL F 20 37.65 -18.42 -36.28
C VAL F 20 36.72 -19.60 -36.07
N TYR F 21 35.44 -19.31 -35.86
CA TYR F 21 34.44 -20.34 -35.63
C TYR F 21 34.16 -21.12 -36.92
N MSE F 22 34.01 -20.40 -38.03
CA MSE F 22 33.69 -21.00 -39.31
C MSE F 22 34.85 -21.83 -39.84
O MSE F 22 34.66 -22.87 -40.48
CB MSE F 22 33.34 -19.92 -40.34
CG MSE F 22 31.97 -19.30 -40.14
SE MSE F 22 31.50 -18.04 -41.56
CE MSE F 22 32.65 -16.57 -41.01
N ASN F 23 36.08 -21.39 -39.56
CA ASN F 23 37.27 -22.07 -40.04
C ASN F 23 37.53 -23.32 -39.21
N ALA F 24 37.14 -23.29 -37.96
CA ALA F 24 37.24 -24.45 -37.08
C ALA F 24 36.19 -25.46 -37.50
N ALA F 25 35.01 -24.96 -37.88
CA ALA F 25 33.95 -25.83 -38.36
C ALA F 25 34.45 -26.69 -39.50
N GLU F 26 35.12 -26.07 -40.48
CA GLU F 26 35.55 -26.76 -41.68
C GLU F 26 36.73 -27.69 -41.45
N SER F 27 37.79 -27.21 -40.82
CA SER F 27 39.02 -27.99 -40.74
C SER F 27 39.74 -27.90 -39.39
N GLY F 28 38.98 -27.72 -38.32
CA GLY F 28 39.57 -27.54 -37.00
C GLY F 28 38.95 -28.40 -35.92
N THR F 29 39.53 -28.34 -34.72
CA THR F 29 39.05 -29.10 -33.57
C THR F 29 38.08 -28.26 -32.75
N GLY F 30 37.49 -28.86 -31.73
CA GLY F 30 36.57 -28.15 -30.85
C GLY F 30 37.32 -27.18 -29.96
N GLU F 31 38.62 -27.44 -29.77
CA GLU F 31 39.45 -26.58 -28.94
C GLU F 31 39.89 -25.36 -29.72
N GLU F 32 40.07 -25.51 -31.03
CA GLU F 32 40.40 -24.39 -31.89
C GLU F 32 39.17 -23.50 -32.08
N MSE F 33 38.00 -24.13 -32.02
CA MSE F 33 36.73 -23.45 -32.20
C MSE F 33 36.34 -22.63 -30.96
O MSE F 33 35.68 -21.61 -31.07
CB MSE F 33 35.64 -24.48 -32.52
CG MSE F 33 34.21 -23.96 -32.42
SE MSE F 33 32.88 -25.30 -32.94
CE MSE F 33 33.08 -25.18 -34.88
N SER F 34 36.78 -23.10 -29.78
CA SER F 34 36.44 -22.43 -28.53
C SER F 34 37.13 -21.07 -28.38
N ALA F 35 38.10 -20.81 -29.25
CA ALA F 35 38.83 -19.55 -29.23
C ALA F 35 37.96 -18.41 -29.79
N ALA F 36 36.78 -18.76 -30.28
CA ALA F 36 35.84 -17.78 -30.78
C ALA F 36 34.73 -17.52 -29.77
N PHE F 37 34.82 -18.15 -28.60
CA PHE F 37 33.77 -18.10 -27.60
C PHE F 37 34.27 -17.68 -26.22
N HIS F 38 33.41 -17.01 -25.48
CA HIS F 38 33.65 -16.69 -24.08
C HIS F 38 33.67 -18.00 -23.30
N LYS F 39 34.44 -18.04 -22.21
CA LYS F 39 34.52 -19.24 -21.40
C LYS F 39 33.14 -19.68 -20.93
N ASP F 40 32.28 -18.70 -20.66
CA ASP F 40 30.95 -18.95 -20.12
C ASP F 40 29.89 -18.76 -21.18
N ALA F 41 30.24 -19.11 -22.42
CA ALA F 41 29.30 -19.02 -23.53
C ALA F 41 28.26 -20.12 -23.43
N THR F 42 27.16 -19.97 -24.16
CA THR F 42 26.09 -20.96 -24.12
C THR F 42 25.62 -21.32 -25.53
N ILE F 43 25.01 -22.49 -25.64
CA ILE F 43 24.42 -22.93 -26.91
C ILE F 43 23.12 -23.70 -26.67
N PHE F 44 22.09 -23.33 -27.42
CA PHE F 44 20.80 -24.03 -27.38
C PHE F 44 20.39 -24.40 -28.80
N GLY F 45 19.79 -25.58 -28.95
CA GLY F 45 19.39 -26.07 -30.26
C GLY F 45 18.75 -27.44 -30.22
N TYR F 46 17.78 -27.66 -31.11
CA TYR F 46 17.08 -28.94 -31.21
C TYR F 46 17.68 -29.84 -32.27
N VAL F 47 17.71 -31.14 -31.97
CA VAL F 47 17.94 -32.15 -32.98
C VAL F 47 16.71 -33.04 -32.99
N GLY F 48 15.77 -32.72 -33.85
CA GLY F 48 14.49 -33.40 -33.87
C GLY F 48 13.60 -32.83 -32.79
N ASP F 49 13.04 -33.70 -31.96
CA ASP F 49 12.18 -33.27 -30.87
C ASP F 49 12.96 -33.14 -29.56
N LYS F 50 14.25 -33.42 -29.61
CA LYS F 50 15.09 -33.38 -28.41
C LYS F 50 15.92 -32.09 -28.37
N LEU F 51 16.10 -31.55 -27.17
CA LEU F 51 16.96 -30.37 -26.99
C LEU F 51 18.40 -30.82 -26.74
N ALA F 52 19.02 -31.30 -27.81
CA ALA F 52 20.36 -31.88 -27.74
C ALA F 52 21.38 -30.91 -27.14
N PHE F 53 21.15 -29.61 -27.32
CA PHE F 53 22.00 -28.58 -26.74
C PHE F 53 21.19 -27.69 -25.83
N ASN F 54 21.53 -27.70 -24.55
CA ASN F 54 20.72 -27.01 -23.55
C ASN F 54 21.52 -26.13 -22.59
N GLY F 55 22.56 -25.46 -23.10
CA GLY F 55 23.28 -24.46 -22.33
C GLY F 55 24.78 -24.54 -22.44
N PRO F 56 25.37 -25.65 -21.97
CA PRO F 56 26.83 -25.81 -21.93
C PRO F 56 27.48 -25.78 -23.31
N ILE F 57 28.43 -24.87 -23.49
CA ILE F 57 29.17 -24.75 -24.75
C ILE F 57 30.17 -25.90 -24.89
N LYS F 58 30.45 -26.59 -23.79
CA LYS F 58 31.31 -27.76 -23.83
C LYS F 58 30.74 -28.80 -24.77
N ASP F 59 29.42 -28.88 -24.81
CA ASP F 59 28.73 -29.86 -25.66
C ASP F 59 28.99 -29.59 -27.13
N LEU F 60 29.26 -28.33 -27.47
CA LEU F 60 29.54 -27.96 -28.85
C LEU F 60 30.89 -28.50 -29.30
N TYR F 61 31.89 -28.34 -28.44
CA TYR F 61 33.25 -28.76 -28.76
C TYR F 61 33.37 -30.28 -28.74
N ASP F 62 32.66 -30.91 -27.81
CA ASP F 62 32.66 -32.36 -27.70
C ASP F 62 32.05 -32.97 -28.96
N TRP F 63 30.92 -32.42 -29.38
CA TRP F 63 30.24 -32.90 -30.58
C TRP F 63 31.06 -32.64 -31.83
N HIS F 64 31.76 -31.51 -31.87
CA HIS F 64 32.56 -31.16 -33.05
C HIS F 64 33.81 -32.02 -33.12
N ASN F 65 34.19 -32.63 -32.01
CA ASN F 65 35.32 -33.56 -31.99
C ASN F 65 34.88 -34.95 -32.45
N SER F 66 33.69 -35.37 -32.04
CA SER F 66 33.15 -36.66 -32.42
C SER F 66 32.81 -36.68 -33.91
N ASN F 67 32.13 -35.63 -34.36
CA ASN F 67 31.70 -35.52 -35.74
C ASN F 67 32.87 -35.20 -36.68
N GLY F 68 33.86 -34.49 -36.16
CA GLY F 68 35.02 -34.12 -36.95
C GLY F 68 34.78 -32.91 -37.84
N PRO F 69 35.82 -32.46 -38.55
CA PRO F 69 35.75 -31.31 -39.46
C PRO F 69 34.82 -31.52 -40.65
N ALA F 70 33.95 -30.54 -40.91
CA ALA F 70 33.09 -30.56 -42.08
C ALA F 70 33.81 -29.95 -43.28
N LYS F 71 34.67 -30.73 -43.92
CA LYS F 71 35.49 -30.23 -45.02
C LYS F 71 34.66 -29.68 -46.18
N ASN F 72 33.40 -30.10 -46.26
CA ASN F 72 32.54 -29.69 -47.36
C ASN F 72 31.59 -28.56 -46.99
N VAL F 73 31.80 -27.97 -45.82
CA VAL F 73 30.91 -26.92 -45.34
C VAL F 73 31.15 -25.61 -46.07
N GLN F 74 30.06 -24.94 -46.42
CA GLN F 74 30.10 -23.57 -46.92
C GLN F 74 29.36 -22.68 -45.90
N SER F 75 30.08 -21.69 -45.37
CA SER F 75 29.51 -20.79 -44.36
C SER F 75 29.52 -19.34 -44.82
N ARG F 76 28.44 -18.62 -44.50
CA ARG F 76 28.32 -17.22 -44.88
C ARG F 76 27.74 -16.42 -43.73
N ILE F 77 28.39 -15.31 -43.38
CA ILE F 77 27.78 -14.34 -42.50
C ILE F 77 26.70 -13.59 -43.29
N THR F 78 25.54 -13.41 -42.68
CA THR F 78 24.43 -12.74 -43.36
C THR F 78 23.95 -11.51 -42.60
N ASN F 79 24.32 -11.41 -41.32
CA ASN F 79 23.95 -10.24 -40.55
C ASN F 79 24.97 -9.94 -39.47
N ILE F 80 25.19 -8.64 -39.24
CA ILE F 80 26.06 -8.16 -38.19
C ILE F 80 25.50 -6.85 -37.67
N ASP F 81 24.77 -6.92 -36.56
CA ASP F 81 24.10 -5.76 -35.97
C ASP F 81 24.83 -5.35 -34.69
N ILE F 82 25.60 -4.25 -34.79
CA ILE F 82 26.45 -3.80 -33.70
C ILE F 82 25.89 -2.57 -33.00
N VAL F 83 25.98 -2.58 -31.67
CA VAL F 83 25.63 -1.41 -30.86
C VAL F 83 26.59 -1.27 -29.69
N GLY F 84 27.73 -0.62 -29.97
CA GLY F 84 28.69 -0.32 -28.94
C GLY F 84 29.49 -1.52 -28.48
N THR F 85 29.03 -2.11 -27.38
CA THR F 85 29.79 -3.18 -26.72
C THR F 85 29.20 -4.57 -26.95
N VAL F 86 28.03 -4.62 -27.58
CA VAL F 86 27.41 -5.91 -27.89
C VAL F 86 26.94 -5.93 -29.35
N ALA F 87 26.69 -7.13 -29.86
CA ALA F 87 26.25 -7.28 -31.24
C ALA F 87 25.52 -8.59 -31.45
N HIS F 88 24.87 -8.70 -32.60
CA HIS F 88 24.23 -9.93 -33.03
C HIS F 88 24.82 -10.32 -34.38
N ALA F 89 24.74 -11.59 -34.73
CA ALA F 89 25.23 -12.04 -36.02
C ALA F 89 24.52 -13.32 -36.45
N ARG F 90 24.19 -13.40 -37.73
CA ARG F 90 23.63 -14.61 -38.29
C ARG F 90 24.65 -15.25 -39.23
N VAL F 91 24.72 -16.58 -39.21
CA VAL F 91 25.61 -17.31 -40.09
C VAL F 91 24.88 -18.52 -40.64
N GLU F 92 24.93 -18.70 -41.96
CA GLU F 92 24.28 -19.81 -42.60
C GLU F 92 25.31 -20.85 -43.01
N ALA F 93 25.02 -22.13 -42.75
CA ALA F 93 25.92 -23.20 -43.10
C ALA F 93 25.17 -24.24 -43.94
N GLU F 94 25.90 -24.85 -44.87
CA GLU F 94 25.34 -25.90 -45.71
C GLU F 94 26.37 -27.00 -45.88
N ASN F 95 25.91 -28.24 -45.86
CA ASN F 95 26.78 -29.41 -46.00
C ASN F 95 27.80 -29.49 -44.88
N TRP F 96 27.42 -29.01 -43.71
CA TRP F 96 28.20 -29.26 -42.51
C TRP F 96 27.96 -30.72 -42.20
N THR F 97 28.73 -31.59 -42.84
CA THR F 97 28.49 -33.03 -42.82
C THR F 97 27.04 -33.32 -43.19
N ASN F 98 26.59 -32.72 -44.29
CA ASN F 98 25.25 -32.92 -44.83
C ASN F 98 24.16 -32.24 -44.03
N PHE F 99 24.54 -31.47 -43.02
CA PHE F 99 23.57 -30.74 -42.21
C PHE F 99 23.46 -29.30 -42.71
N LYS F 100 22.30 -28.69 -42.46
CA LYS F 100 22.06 -27.29 -42.81
C LYS F 100 21.59 -26.56 -41.58
N PHE F 101 22.35 -25.55 -41.16
CA PHE F 101 22.06 -24.83 -39.94
C PHE F 101 21.80 -23.35 -40.20
N SER F 102 21.11 -22.72 -39.25
CA SER F 102 21.03 -21.27 -39.17
C SER F 102 21.54 -20.89 -37.78
N ASP F 103 22.65 -20.16 -37.75
CA ASP F 103 23.26 -19.74 -36.50
C ASP F 103 22.87 -18.31 -36.13
N LEU F 104 22.60 -18.12 -34.85
CA LEU F 104 22.29 -16.80 -34.31
C LEU F 104 23.23 -16.60 -33.14
N PHE F 105 24.00 -15.52 -33.18
CA PHE F 105 25.01 -15.27 -32.16
C PHE F 105 24.73 -13.98 -31.42
N LEU F 106 25.12 -13.95 -30.15
CA LEU F 106 25.26 -12.71 -29.39
C LEU F 106 26.73 -12.58 -29.03
N LEU F 107 27.31 -11.43 -29.35
CA LEU F 107 28.72 -11.21 -29.05
C LEU F 107 28.90 -10.12 -28.02
N LEU F 108 30.09 -10.04 -27.45
CA LEU F 108 30.44 -9.01 -26.49
C LEU F 108 31.84 -8.53 -26.80
N LYS F 109 32.04 -7.22 -26.80
CA LYS F 109 33.36 -6.65 -26.99
C LYS F 109 34.07 -6.68 -25.64
N LEU F 110 34.54 -7.86 -25.26
CA LEU F 110 35.17 -8.08 -23.96
C LEU F 110 36.55 -7.43 -23.88
N ASP F 111 36.60 -6.25 -23.29
CA ASP F 111 37.86 -5.53 -23.12
C ASP F 111 38.45 -5.14 -24.47
N GLY F 112 37.60 -4.67 -25.37
CA GLY F 112 38.05 -4.24 -26.69
C GLY F 112 38.12 -5.35 -27.72
N LYS F 113 38.05 -6.60 -27.29
CA LYS F 113 38.12 -7.73 -28.21
C LYS F 113 36.77 -8.45 -28.29
N TRP F 114 36.24 -8.59 -29.51
CA TRP F 114 34.97 -9.26 -29.71
C TRP F 114 35.09 -10.77 -29.50
N THR F 115 34.08 -11.34 -28.83
CA THR F 115 34.01 -12.77 -28.57
C THR F 115 32.55 -13.21 -28.51
N ILE F 116 32.26 -14.43 -28.94
CA ILE F 116 30.90 -14.94 -28.93
C ILE F 116 30.51 -15.44 -27.54
N VAL F 117 29.48 -14.84 -26.96
CA VAL F 117 29.00 -15.27 -25.64
C VAL F 117 27.79 -16.21 -25.71
N ASN F 118 26.99 -16.11 -26.78
CA ASN F 118 25.79 -16.94 -26.91
C ASN F 118 25.59 -17.43 -28.34
N LYS F 119 24.91 -18.56 -28.48
CA LYS F 119 24.75 -19.22 -29.76
C LYS F 119 23.51 -20.09 -29.75
N VAL F 120 22.60 -19.85 -30.69
CA VAL F 120 21.46 -20.74 -30.89
C VAL F 120 21.40 -21.11 -32.37
N PHE F 121 20.94 -22.31 -32.69
CA PHE F 121 20.91 -22.76 -34.07
C PHE F 121 19.61 -23.49 -34.39
N HIS F 122 19.24 -23.45 -35.67
CA HIS F 122 18.13 -24.24 -36.17
C HIS F 122 18.67 -25.19 -37.25
N LEU F 123 18.39 -26.49 -37.08
CA LEU F 123 18.74 -27.48 -38.08
C LEU F 123 17.55 -27.68 -39.01
N HIS F 124 17.76 -27.46 -40.31
CA HIS F 124 16.69 -27.48 -41.29
C HIS F 124 16.23 -28.90 -41.66
N ALA F 125 14.92 -29.07 -41.79
CA ALA F 125 14.34 -30.37 -42.14
C ALA F 125 14.74 -30.78 -43.56
C1 EDO G . -13.71 28.85 16.30
O1 EDO G . -13.00 29.40 15.22
C2 EDO G . -15.01 29.62 16.50
O2 EDO G . -15.59 29.27 17.73
C1 EDO H . -33.70 13.76 30.62
O1 EDO H . -33.03 12.58 30.25
C2 EDO H . -35.09 13.82 29.98
O2 EDO H . -35.01 14.46 28.74
C1 EDO I . -13.31 33.93 20.24
O1 EDO I . -12.75 34.86 21.11
C2 EDO I . -14.83 34.06 20.27
O2 EDO I . -15.33 33.81 21.55
C1 EDO J . -8.59 -15.49 4.24
O1 EDO J . -8.80 -14.99 2.95
C2 EDO J . -8.95 -14.45 5.30
O2 EDO J . -7.92 -13.50 5.45
C1 EDO K . -10.31 11.91 14.59
O1 EDO K . -10.92 11.69 15.83
C2 EDO K . -11.40 11.81 13.52
O2 EDO K . -12.19 12.97 13.57
CL CL L . -20.83 -6.69 27.54
C1 EDO M . -7.19 17.28 19.35
O1 EDO M . -7.43 16.75 20.62
C2 EDO M . -8.42 17.13 18.46
O2 EDO M . -8.08 16.52 17.25
C1 EDO N . 8.45 -20.73 -48.11
O1 EDO N . 8.51 -22.01 -48.66
C2 EDO N . 7.06 -20.12 -48.27
O2 EDO N . 6.89 -19.63 -49.57
C1 EDO O . 14.66 -9.57 -39.44
O1 EDO O . 13.38 -9.02 -39.28
C2 EDO O . 14.85 -10.01 -40.88
O2 EDO O . 13.70 -10.68 -41.32
#